data_5SA0
#
_entry.id   5SA0
#
_cell.length_a   79.581
_cell.length_b   108.283
_cell.length_c   112.361
_cell.angle_alpha   90.000
_cell.angle_beta   90.000
_cell.angle_gamma   90.000
#
_symmetry.space_group_name_H-M   'P 21 21 21'
#
loop_
_entity.id
_entity.type
_entity.pdbx_description
1 polymer 'N(1),N(8)-bis(glutathionyl)spermidine reductase'
2 non-polymer 'FLAVIN-ADENINE DINUCLEOTIDE'
3 non-polymer 'DIMETHYL SULFOXIDE'
4 non-polymer (1S)-N,2,2-trimethyl-N-(pyridin-3-yl)cyclopropane-1-carboxamide
5 non-polymer 'MAGNESIUM ION'
6 non-polymer 'BROMIDE ION'
7 water water
#
_entity_poly.entity_id   1
_entity_poly.type   'polypeptide(L)'
_entity_poly.pdbx_seq_one_letter_code
;GSHMSKAFDLVVIGAGSGGLEAGWNAATLYGKRVAVVDVQTSHGPPFYAALGGTCVNVGCVPKKLMVTGAQYMDHLRESA
GFGWEFDGSSVKANWKKLIAAKNEAVLDINKSYEGMFNDTEGLDFFLGWGSLESKNVVVVRETADPKSAVKERLQADHIL
LATGSWPQMPAIPGIEHCISSNEAFYLPEPPRRVLTVGGGFISVEFAGIFNAYKPPGGKVTLCYRNNLILRGFDETIREE
VTKQLTANGIEIMTNENPAKVSLNTDGSKHVTFESGKTLDVDVVMMAIGRIPRTNDLQLGNVGVKLTPKGGVQVDEFSRT
NVPNIYAIGDITDRLMLTPVAINEGAALVDTVFGNKPRKTDHTRVASAVFSIPPIGTCGLIEEVAAKEFEKVAVYMSSFT
PLMHNISGSKYKKFVAKIVTNHSDGTVLGVHLLGDGAPEIIQAVGVCLRLNAKISDFYNTIGVHPTSAEELCSMRTPSYY
YVKGEKMEKLPDSNL
;
_entity_poly.pdbx_strand_id   A,B
#
# COMPACT_ATOMS: atom_id res chain seq x y z
N ALA A 7 -29.57 -26.09 -25.24
CA ALA A 7 -28.50 -25.72 -26.20
C ALA A 7 -27.90 -24.38 -25.78
N PHE A 8 -26.57 -24.34 -25.63
CA PHE A 8 -25.80 -23.14 -25.21
C PHE A 8 -24.54 -23.01 -26.07
N ASP A 9 -24.28 -21.78 -26.54
CA ASP A 9 -22.96 -21.41 -27.12
C ASP A 9 -21.87 -22.02 -26.23
N LEU A 10 -21.82 -21.62 -24.96
CA LEU A 10 -20.77 -22.05 -23.98
C LEU A 10 -21.42 -22.73 -22.77
N VAL A 11 -20.87 -23.86 -22.33
CA VAL A 11 -21.19 -24.49 -21.02
C VAL A 11 -19.91 -24.58 -20.18
N VAL A 12 -19.97 -24.02 -18.97
CA VAL A 12 -18.82 -23.88 -18.03
C VAL A 12 -19.08 -24.82 -16.87
N ILE A 13 -18.14 -25.70 -16.57
CA ILE A 13 -18.18 -26.53 -15.33
C ILE A 13 -17.30 -25.87 -14.28
N GLY A 14 -17.95 -25.35 -13.25
CA GLY A 14 -17.37 -24.56 -12.15
C GLY A 14 -17.78 -23.11 -12.26
N ALA A 15 -18.48 -22.60 -11.26
CA ALA A 15 -18.87 -21.18 -11.18
C ALA A 15 -17.86 -20.48 -10.26
N GLY A 16 -16.57 -20.59 -10.59
CA GLY A 16 -15.48 -20.03 -9.77
C GLY A 16 -14.84 -18.82 -10.42
N SER A 17 -13.64 -18.46 -9.95
CA SER A 17 -12.92 -17.23 -10.37
C SER A 17 -12.82 -17.22 -11.91
N GLY A 18 -12.24 -18.27 -12.49
CA GLY A 18 -12.14 -18.48 -13.96
C GLY A 18 -13.50 -18.63 -14.64
N GLY A 19 -14.42 -19.43 -14.07
CA GLY A 19 -15.67 -19.87 -14.74
C GLY A 19 -16.63 -18.74 -14.92
N LEU A 20 -16.77 -17.90 -13.89
CA LEU A 20 -17.71 -16.73 -13.91
C LEU A 20 -17.20 -15.63 -14.84
N GLU A 21 -15.89 -15.35 -14.87
CA GLU A 21 -15.35 -14.28 -15.77
C GLU A 21 -15.67 -14.68 -17.22
N ALA A 22 -15.39 -15.93 -17.59
CA ALA A 22 -15.65 -16.45 -18.95
C ALA A 22 -17.16 -16.28 -19.24
N GLY A 23 -18.00 -16.81 -18.34
CA GLY A 23 -19.47 -16.80 -18.44
C GLY A 23 -20.03 -15.41 -18.68
N TRP A 24 -19.77 -14.49 -17.75
N TRP A 24 -19.75 -14.48 -17.76
CA TRP A 24 -20.30 -13.10 -17.77
CA TRP A 24 -20.29 -13.10 -17.76
C TRP A 24 -19.80 -12.37 -19.03
C TRP A 24 -19.77 -12.33 -18.99
N ASN A 25 -18.55 -12.62 -19.43
CA ASN A 25 -17.95 -11.94 -20.62
C ASN A 25 -18.66 -12.42 -21.88
N ALA A 26 -18.69 -13.74 -22.08
CA ALA A 26 -19.36 -14.40 -23.20
C ALA A 26 -20.76 -13.77 -23.34
N ALA A 27 -21.61 -13.94 -22.33
CA ALA A 27 -23.00 -13.44 -22.31
C ALA A 27 -23.04 -11.95 -22.62
N THR A 28 -22.37 -11.11 -21.83
CA THR A 28 -22.59 -9.66 -21.84
C THR A 28 -21.78 -8.93 -22.93
N LEU A 29 -20.72 -9.53 -23.47
CA LEU A 29 -19.83 -8.83 -24.44
C LEU A 29 -20.12 -9.34 -25.85
N TYR A 30 -20.42 -10.63 -26.00
CA TYR A 30 -20.63 -11.33 -27.29
C TYR A 30 -22.05 -11.90 -27.35
N GLY A 31 -22.97 -11.23 -26.64
CA GLY A 31 -24.36 -11.69 -26.46
C GLY A 31 -24.45 -13.20 -26.66
N LYS A 32 -23.54 -13.97 -26.05
CA LYS A 32 -23.55 -15.45 -26.17
C LYS A 32 -24.51 -16.05 -25.13
N ARG A 33 -24.75 -17.36 -25.23
CA ARG A 33 -25.74 -18.11 -24.42
C ARG A 33 -24.98 -19.13 -23.60
N VAL A 34 -24.94 -18.93 -22.29
CA VAL A 34 -24.00 -19.67 -21.37
C VAL A 34 -24.81 -20.30 -20.25
N ALA A 35 -24.55 -21.58 -20.02
CA ALA A 35 -24.86 -22.32 -18.77
C ALA A 35 -23.60 -22.39 -17.90
N VAL A 36 -23.70 -22.12 -16.60
CA VAL A 36 -22.62 -22.44 -15.61
C VAL A 36 -23.13 -23.48 -14.61
N VAL A 37 -22.34 -24.54 -14.37
CA VAL A 37 -22.60 -25.62 -13.37
C VAL A 37 -21.75 -25.35 -12.13
N ASP A 38 -22.35 -25.39 -10.94
CA ASP A 38 -21.63 -25.63 -9.67
C ASP A 38 -22.49 -26.51 -8.77
N VAL A 39 -21.84 -27.09 -7.76
CA VAL A 39 -22.43 -28.15 -6.90
C VAL A 39 -23.25 -27.51 -5.78
N GLN A 40 -23.14 -26.20 -5.55
CA GLN A 40 -23.64 -25.54 -4.32
C GLN A 40 -23.84 -24.04 -4.59
N THR A 41 -24.86 -23.42 -4.00
CA THR A 41 -25.23 -22.00 -4.29
C THR A 41 -24.60 -21.06 -3.25
N SER A 42 -24.18 -21.59 -2.12
CA SER A 42 -23.55 -20.76 -1.08
C SER A 42 -22.55 -21.61 -0.32
N HIS A 43 -21.75 -20.95 0.47
CA HIS A 43 -20.50 -21.46 1.05
C HIS A 43 -20.77 -22.53 2.08
N GLY A 44 -19.78 -23.40 2.29
CA GLY A 44 -19.60 -24.22 3.50
C GLY A 44 -19.93 -25.68 3.25
N PRO A 45 -19.93 -26.55 4.30
CA PRO A 45 -20.25 -27.98 4.13
C PRO A 45 -21.58 -28.20 3.41
N PRO A 46 -21.76 -29.30 2.62
CA PRO A 46 -20.75 -30.37 2.51
C PRO A 46 -19.56 -30.16 1.55
N PHE A 47 -19.72 -29.34 0.49
CA PHE A 47 -18.80 -29.20 -0.67
C PHE A 47 -17.89 -27.93 -0.61
N TYR A 48 -18.10 -27.05 0.37
CA TYR A 48 -17.19 -25.91 0.73
C TYR A 48 -17.20 -24.82 -0.35
N ALA A 49 -16.65 -25.10 -1.53
CA ALA A 49 -16.73 -24.22 -2.69
C ALA A 49 -18.15 -24.26 -3.23
N ALA A 50 -18.55 -23.18 -3.88
CA ALA A 50 -19.92 -22.92 -4.33
C ALA A 50 -19.87 -21.79 -5.37
N LEU A 51 -21.02 -21.44 -5.97
CA LEU A 51 -21.25 -20.17 -6.70
C LEU A 51 -20.25 -19.12 -6.18
N GLY A 52 -19.36 -18.63 -7.07
CA GLY A 52 -18.28 -17.66 -6.74
C GLY A 52 -16.91 -18.33 -6.66
N GLY A 53 -16.87 -19.61 -6.33
CA GLY A 53 -15.66 -20.45 -6.44
C GLY A 53 -14.94 -20.53 -5.12
N THR A 54 -13.71 -21.02 -5.14
CA THR A 54 -12.90 -21.32 -3.94
C THR A 54 -12.47 -20.03 -3.27
N CYS A 55 -12.04 -19.05 -4.05
CA CYS A 55 -11.56 -17.76 -3.50
C CYS A 55 -12.67 -17.10 -2.64
N VAL A 56 -13.85 -16.98 -3.19
CA VAL A 56 -15.02 -16.31 -2.55
C VAL A 56 -15.41 -17.05 -1.28
N ASN A 57 -15.62 -18.38 -1.38
CA ASN A 57 -16.25 -19.26 -0.37
C ASN A 57 -15.24 -19.69 0.70
N VAL A 58 -14.09 -20.21 0.30
CA VAL A 58 -13.08 -20.80 1.24
C VAL A 58 -11.67 -20.47 0.78
N GLY A 59 -11.42 -19.24 0.35
CA GLY A 59 -10.07 -18.81 -0.03
C GLY A 59 -9.80 -17.34 0.25
N CYS A 60 -9.31 -16.63 -0.78
CA CYS A 60 -8.80 -15.26 -0.63
C CYS A 60 -9.72 -14.45 0.29
N VAL A 61 -11.01 -14.45 0.01
CA VAL A 61 -11.99 -13.49 0.62
C VAL A 61 -12.09 -13.76 2.11
N PRO A 62 -12.59 -14.94 2.57
CA PRO A 62 -12.66 -15.20 4.01
C PRO A 62 -11.29 -15.21 4.70
N LYS A 63 -10.25 -15.68 4.02
CA LYS A 63 -8.85 -15.66 4.54
C LYS A 63 -8.42 -14.20 4.81
N LYS A 64 -8.59 -13.30 3.85
CA LYS A 64 -8.15 -11.89 4.03
C LYS A 64 -8.94 -11.28 5.19
N LEU A 65 -10.24 -11.52 5.26
CA LEU A 65 -11.05 -11.03 6.43
C LEU A 65 -10.44 -11.56 7.75
N MET A 66 -10.05 -12.81 7.76
CA MET A 66 -9.59 -13.46 9.01
C MET A 66 -8.16 -13.04 9.30
N VAL A 67 -7.34 -12.84 8.27
CA VAL A 67 -5.98 -12.30 8.52
C VAL A 67 -6.12 -10.85 9.03
N THR A 68 -7.05 -10.09 8.48
CA THR A 68 -7.32 -8.70 8.99
C THR A 68 -7.73 -8.78 10.47
N GLY A 69 -8.61 -9.72 10.83
CA GLY A 69 -8.95 -9.94 12.25
C GLY A 69 -7.69 -10.14 13.07
N ALA A 70 -6.82 -11.05 12.61
CA ALA A 70 -5.60 -11.49 13.34
C ALA A 70 -4.68 -10.31 13.56
N GLN A 71 -4.64 -9.39 12.59
CA GLN A 71 -3.79 -8.19 12.61
C GLN A 71 -4.09 -7.38 13.87
N TYR A 72 -5.33 -7.37 14.38
CA TYR A 72 -5.65 -6.53 15.58
C TYR A 72 -4.82 -6.95 16.79
N MET A 73 -4.36 -8.21 16.88
CA MET A 73 -3.48 -8.63 18.00
C MET A 73 -2.27 -7.71 17.99
N ASP A 74 -1.71 -7.50 16.81
CA ASP A 74 -0.53 -6.60 16.67
C ASP A 74 -0.97 -5.16 16.94
N HIS A 75 -2.08 -4.67 16.38
CA HIS A 75 -2.48 -3.23 16.49
C HIS A 75 -2.74 -2.84 17.96
N LEU A 76 -3.40 -3.73 18.70
CA LEU A 76 -3.77 -3.48 20.12
C LEU A 76 -2.47 -3.32 20.91
N ARG A 77 -1.49 -4.20 20.68
CA ARG A 77 -0.19 -4.13 21.42
C ARG A 77 0.52 -2.84 20.98
N GLU A 78 0.62 -2.65 19.67
CA GLU A 78 1.45 -1.57 19.07
C GLU A 78 0.92 -0.21 19.48
N SER A 79 -0.39 -0.14 19.69
CA SER A 79 -1.07 1.13 20.01
C SER A 79 -0.35 1.79 21.18
N ALA A 80 0.24 1.00 22.09
CA ALA A 80 0.77 1.50 23.39
C ALA A 80 1.91 2.46 23.13
N GLY A 81 2.79 2.13 22.19
CA GLY A 81 3.91 2.98 21.72
C GLY A 81 3.46 4.38 21.31
N PHE A 82 2.20 4.56 20.93
CA PHE A 82 1.65 5.84 20.43
C PHE A 82 0.81 6.50 21.55
N GLY A 83 0.75 5.89 22.73
CA GLY A 83 0.08 6.46 23.92
C GLY A 83 -1.31 5.89 24.16
N TRP A 84 -1.72 4.86 23.43
CA TRP A 84 -3.01 4.21 23.72
C TRP A 84 -2.86 3.40 25.01
N GLU A 85 -3.83 3.56 25.90
CA GLU A 85 -3.87 2.92 27.23
C GLU A 85 -5.23 2.26 27.33
N PHE A 86 -5.23 1.00 27.74
CA PHE A 86 -6.45 0.28 28.12
C PHE A 86 -6.00 -0.89 28.98
N ASP A 87 -6.98 -1.58 29.55
CA ASP A 87 -6.78 -2.81 30.33
C ASP A 87 -6.40 -3.96 29.38
N GLY A 88 -5.12 -4.26 29.26
CA GLY A 88 -4.64 -5.38 28.43
C GLY A 88 -5.25 -6.68 28.91
N SER A 89 -5.41 -6.85 30.24
CA SER A 89 -5.97 -8.07 30.89
C SER A 89 -7.42 -8.31 30.44
N SER A 90 -8.14 -7.31 29.93
CA SER A 90 -9.55 -7.49 29.44
C SER A 90 -9.59 -7.93 27.97
N VAL A 91 -8.46 -8.03 27.27
CA VAL A 91 -8.47 -8.26 25.79
C VAL A 91 -8.84 -9.71 25.53
N LYS A 92 -9.88 -9.95 24.73
CA LYS A 92 -10.28 -11.30 24.27
C LYS A 92 -10.45 -11.24 22.76
N ALA A 93 -10.14 -12.35 22.09
CA ALA A 93 -10.32 -12.56 20.65
C ALA A 93 -11.50 -13.50 20.46
N ASN A 94 -12.64 -12.95 20.11
CA ASN A 94 -13.85 -13.78 19.93
C ASN A 94 -13.87 -14.31 18.50
N TRP A 95 -13.35 -15.53 18.36
CA TRP A 95 -13.30 -16.33 17.13
C TRP A 95 -14.71 -16.53 16.60
N LYS A 96 -15.60 -16.89 17.50
CA LYS A 96 -16.99 -17.21 17.11
C LYS A 96 -17.61 -16.00 16.37
N LYS A 97 -17.35 -14.78 16.88
N LYS A 97 -17.35 -14.79 16.86
CA LYS A 97 -17.80 -13.50 16.28
CA LYS A 97 -17.87 -13.54 16.22
C LYS A 97 -17.20 -13.41 14.86
C LYS A 97 -17.20 -13.39 14.85
N LEU A 98 -15.87 -13.55 14.77
CA LEU A 98 -15.12 -13.49 13.48
C LEU A 98 -15.80 -14.39 12.44
N ILE A 99 -16.08 -15.63 12.81
CA ILE A 99 -16.56 -16.64 11.83
C ILE A 99 -17.97 -16.26 11.42
N ALA A 100 -18.82 -15.87 12.39
CA ALA A 100 -20.19 -15.44 12.06
C ALA A 100 -20.10 -14.27 11.06
N ALA A 101 -19.22 -13.31 11.34
CA ALA A 101 -19.05 -12.10 10.50
C ALA A 101 -18.57 -12.54 9.10
N LYS A 102 -17.48 -13.30 9.02
CA LYS A 102 -16.99 -13.88 7.73
C LYS A 102 -18.16 -14.53 6.99
N ASN A 103 -18.96 -15.36 7.69
CA ASN A 103 -20.03 -16.20 7.07
C ASN A 103 -21.02 -15.29 6.36
N GLU A 104 -21.40 -14.23 7.07
CA GLU A 104 -22.40 -13.28 6.57
C GLU A 104 -21.79 -12.59 5.33
N ALA A 105 -20.50 -12.20 5.43
CA ALA A 105 -19.78 -11.48 4.35
C ALA A 105 -19.78 -12.34 3.08
N VAL A 106 -19.38 -13.60 3.22
CA VAL A 106 -19.36 -14.57 2.08
C VAL A 106 -20.77 -14.81 1.56
N LEU A 107 -21.74 -15.04 2.45
CA LEU A 107 -23.14 -15.29 1.98
C LEU A 107 -23.62 -14.13 1.09
N ASP A 108 -23.33 -12.88 1.48
CA ASP A 108 -23.76 -11.69 0.70
C ASP A 108 -23.16 -11.77 -0.70
N ILE A 109 -21.90 -12.18 -0.79
CA ILE A 109 -21.24 -12.37 -2.12
C ILE A 109 -21.90 -13.54 -2.86
N ASN A 110 -22.21 -14.65 -2.18
CA ASN A 110 -22.95 -15.75 -2.87
C ASN A 110 -24.22 -15.19 -3.50
N LYS A 111 -24.91 -14.33 -2.74
CA LYS A 111 -26.20 -13.72 -3.12
C LYS A 111 -25.92 -12.73 -4.25
N SER A 112 -24.83 -11.99 -4.16
CA SER A 112 -24.43 -11.03 -5.23
C SER A 112 -24.34 -11.80 -6.56
N TYR A 113 -23.74 -13.00 -6.57
CA TYR A 113 -23.51 -13.81 -7.81
C TYR A 113 -24.84 -14.41 -8.30
N GLU A 114 -25.72 -14.73 -7.37
CA GLU A 114 -27.05 -15.23 -7.81
C GLU A 114 -27.76 -14.06 -8.51
N GLY A 115 -27.68 -12.85 -7.94
CA GLY A 115 -28.13 -11.60 -8.58
C GLY A 115 -27.64 -11.54 -10.02
N MET A 116 -26.31 -11.63 -10.21
CA MET A 116 -25.69 -11.54 -11.55
C MET A 116 -26.39 -12.49 -12.53
N PHE A 117 -26.61 -13.77 -12.19
CA PHE A 117 -27.17 -14.80 -13.10
C PHE A 117 -28.62 -14.46 -13.47
N ASN A 118 -29.31 -13.81 -12.52
CA ASN A 118 -30.74 -13.38 -12.63
C ASN A 118 -30.79 -12.20 -13.61
N ASP A 119 -30.12 -11.11 -13.25
CA ASP A 119 -30.17 -9.80 -13.93
C ASP A 119 -29.30 -9.82 -15.20
N THR A 120 -29.07 -11.02 -15.77
CA THR A 120 -28.19 -11.24 -16.96
C THR A 120 -28.86 -12.25 -17.89
N GLU A 121 -29.13 -11.83 -19.13
CA GLU A 121 -29.88 -12.63 -20.14
C GLU A 121 -28.90 -13.59 -20.83
N GLY A 122 -29.32 -14.85 -21.04
CA GLY A 122 -28.50 -15.93 -21.63
C GLY A 122 -27.77 -16.70 -20.55
N LEU A 123 -27.09 -15.97 -19.65
CA LEU A 123 -26.37 -16.49 -18.46
C LEU A 123 -27.33 -17.15 -17.46
N ASP A 124 -27.23 -18.47 -17.31
CA ASP A 124 -28.10 -19.23 -16.37
C ASP A 124 -27.27 -20.28 -15.63
N PHE A 125 -27.49 -20.35 -14.30
CA PHE A 125 -26.86 -21.31 -13.35
C PHE A 125 -27.65 -22.61 -13.27
N PHE A 126 -26.93 -23.73 -13.40
CA PHE A 126 -27.43 -25.11 -13.21
C PHE A 126 -26.69 -25.65 -11.98
N LEU A 127 -27.38 -26.45 -11.16
CA LEU A 127 -26.91 -26.92 -9.84
C LEU A 127 -26.65 -28.41 -9.94
N GLY A 128 -25.50 -28.83 -9.43
CA GLY A 128 -25.12 -30.23 -9.36
C GLY A 128 -23.76 -30.42 -10.01
N TRP A 129 -23.51 -31.65 -10.43
CA TRP A 129 -22.17 -32.15 -10.83
C TRP A 129 -22.09 -32.27 -12.36
N GLY A 130 -21.27 -31.39 -12.96
CA GLY A 130 -20.82 -31.49 -14.36
C GLY A 130 -19.85 -32.63 -14.58
N SER A 131 -20.09 -33.43 -15.63
CA SER A 131 -19.12 -34.39 -16.21
C SER A 131 -19.33 -34.38 -17.72
N LEU A 132 -18.38 -34.95 -18.48
CA LEU A 132 -18.46 -34.98 -19.96
C LEU A 132 -19.00 -36.36 -20.41
N GLU A 133 -20.14 -36.33 -21.10
CA GLU A 133 -20.74 -37.48 -21.81
C GLU A 133 -20.02 -37.61 -23.15
N SER A 134 -20.13 -36.56 -23.96
CA SER A 134 -19.47 -36.40 -25.28
C SER A 134 -18.94 -34.97 -25.44
N LYS A 135 -18.00 -34.82 -26.38
CA LYS A 135 -17.20 -33.60 -26.65
C LYS A 135 -18.10 -32.37 -26.89
N ASN A 136 -19.43 -32.54 -26.92
CA ASN A 136 -20.38 -31.40 -27.11
C ASN A 136 -21.63 -31.52 -26.23
N VAL A 137 -21.63 -32.40 -25.23
CA VAL A 137 -22.78 -32.53 -24.29
C VAL A 137 -22.28 -32.70 -22.85
N VAL A 138 -22.69 -31.78 -21.99
CA VAL A 138 -22.37 -31.84 -20.53
C VAL A 138 -23.59 -32.45 -19.85
N VAL A 139 -23.36 -33.31 -18.88
CA VAL A 139 -24.43 -33.94 -18.04
C VAL A 139 -24.28 -33.46 -16.59
N VAL A 140 -25.26 -32.67 -16.10
CA VAL A 140 -25.37 -32.23 -14.69
C VAL A 140 -26.11 -33.32 -13.91
N ARG A 141 -25.37 -34.10 -13.12
CA ARG A 141 -25.93 -35.16 -12.25
C ARG A 141 -26.32 -34.56 -10.90
N GLU A 142 -26.82 -35.41 -9.99
CA GLU A 142 -27.31 -35.03 -8.64
C GLU A 142 -26.15 -35.20 -7.64
N THR A 143 -25.21 -36.08 -7.95
CA THR A 143 -24.01 -36.29 -7.10
C THR A 143 -22.76 -36.45 -7.97
N ALA A 144 -21.64 -36.69 -7.29
CA ALA A 144 -20.27 -36.90 -7.80
C ALA A 144 -20.15 -38.34 -8.28
N ASP A 145 -21.19 -39.14 -8.05
CA ASP A 145 -21.34 -40.48 -8.68
C ASP A 145 -21.78 -40.29 -10.13
N PRO A 146 -20.99 -40.81 -11.10
CA PRO A 146 -21.43 -40.83 -12.50
C PRO A 146 -22.78 -41.51 -12.73
N LYS A 147 -23.24 -42.34 -11.79
CA LYS A 147 -24.48 -43.17 -11.84
C LYS A 147 -25.57 -42.59 -10.92
N SER A 148 -25.62 -41.26 -10.71
CA SER A 148 -26.73 -40.55 -10.01
C SER A 148 -27.67 -39.95 -11.05
N ALA A 149 -28.83 -39.44 -10.64
CA ALA A 149 -29.90 -38.93 -11.54
C ALA A 149 -29.35 -37.81 -12.44
N VAL A 150 -29.90 -37.66 -13.64
CA VAL A 150 -29.50 -36.62 -14.64
C VAL A 150 -30.42 -35.40 -14.49
N LYS A 151 -29.98 -34.40 -13.74
CA LYS A 151 -30.75 -33.15 -13.54
C LYS A 151 -30.88 -32.48 -14.90
N GLU A 152 -29.86 -32.63 -15.77
CA GLU A 152 -29.79 -31.94 -17.08
C GLU A 152 -28.86 -32.65 -18.07
N ARG A 153 -29.20 -32.48 -19.35
CA ARG A 153 -28.39 -32.74 -20.57
C ARG A 153 -28.14 -31.40 -21.27
N LEU A 154 -26.88 -30.99 -21.41
CA LEU A 154 -26.53 -29.65 -21.94
C LEU A 154 -25.72 -29.76 -23.23
N GLN A 155 -26.22 -29.16 -24.31
CA GLN A 155 -25.58 -29.09 -25.65
C GLN A 155 -24.71 -27.82 -25.70
N ALA A 156 -23.50 -27.98 -26.24
CA ALA A 156 -22.34 -27.05 -26.08
C ALA A 156 -21.49 -26.96 -27.36
N ASP A 157 -21.64 -25.89 -28.14
CA ASP A 157 -20.70 -25.53 -29.24
C ASP A 157 -19.30 -25.41 -28.64
N HIS A 158 -19.20 -25.05 -27.35
CA HIS A 158 -17.95 -24.89 -26.57
C HIS A 158 -18.15 -25.28 -25.10
N ILE A 159 -17.22 -26.07 -24.54
CA ILE A 159 -17.19 -26.52 -23.11
C ILE A 159 -15.93 -25.98 -22.40
N LEU A 160 -16.11 -25.19 -21.31
CA LEU A 160 -15.00 -24.70 -20.43
C LEU A 160 -14.98 -25.45 -19.10
N LEU A 161 -13.86 -26.12 -18.82
CA LEU A 161 -13.52 -26.81 -17.55
C LEU A 161 -12.81 -25.86 -16.57
N ALA A 162 -13.45 -25.53 -15.46
CA ALA A 162 -12.98 -24.51 -14.48
C ALA A 162 -13.41 -24.96 -13.07
N THR A 163 -13.07 -26.20 -12.74
CA THR A 163 -13.58 -26.92 -11.56
C THR A 163 -12.60 -26.71 -10.42
N GLY A 164 -11.47 -26.05 -10.71
CA GLY A 164 -10.48 -25.62 -9.71
C GLY A 164 -9.70 -26.79 -9.17
N SER A 165 -9.31 -26.69 -7.89
CA SER A 165 -8.37 -27.55 -7.11
C SER A 165 -9.00 -27.91 -5.75
N TRP A 166 -8.25 -28.59 -4.90
CA TRP A 166 -8.80 -29.29 -3.71
C TRP A 166 -7.60 -29.61 -2.84
N PRO A 167 -7.72 -29.53 -1.50
CA PRO A 167 -6.54 -29.72 -0.67
C PRO A 167 -6.10 -31.17 -0.86
N GLN A 168 -4.80 -31.42 -0.85
CA GLN A 168 -4.23 -32.79 -0.81
C GLN A 168 -4.06 -33.22 0.64
N MET A 169 -4.56 -34.40 0.99
CA MET A 169 -4.49 -34.96 2.36
C MET A 169 -3.54 -36.13 2.31
N PRO A 170 -2.35 -36.06 2.98
CA PRO A 170 -1.36 -37.13 2.90
C PRO A 170 -1.94 -38.38 3.58
N ALA A 171 -2.03 -39.49 2.85
CA ALA A 171 -2.61 -40.79 3.27
C ALA A 171 -1.73 -41.47 4.34
N ILE A 172 -1.59 -40.84 5.51
CA ILE A 172 -0.92 -41.36 6.73
C ILE A 172 -1.98 -41.96 7.64
N PRO A 173 -1.65 -42.85 8.59
CA PRO A 173 -2.65 -43.27 9.60
C PRO A 173 -3.14 -42.10 10.48
N GLY A 174 -4.46 -41.95 10.59
CA GLY A 174 -5.16 -40.89 11.37
C GLY A 174 -5.30 -39.56 10.62
N ILE A 175 -5.29 -39.62 9.29
CA ILE A 175 -5.57 -38.46 8.41
C ILE A 175 -7.05 -38.05 8.58
N GLU A 176 -7.95 -38.96 8.99
CA GLU A 176 -9.39 -38.64 9.26
C GLU A 176 -9.55 -37.71 10.49
N HIS A 177 -8.51 -37.51 11.31
CA HIS A 177 -8.47 -36.67 12.54
C HIS A 177 -7.95 -35.25 12.23
N CYS A 178 -7.58 -35.01 10.97
CA CYS A 178 -6.94 -33.76 10.46
C CYS A 178 -7.94 -33.00 9.60
N ILE A 179 -7.77 -31.68 9.49
CA ILE A 179 -8.62 -30.85 8.57
C ILE A 179 -7.73 -30.25 7.48
N SER A 180 -8.39 -29.76 6.42
CA SER A 180 -7.83 -28.81 5.43
C SER A 180 -8.33 -27.40 5.74
N SER A 181 -7.88 -26.45 4.94
CA SER A 181 -8.29 -25.04 5.01
C SER A 181 -9.81 -25.01 4.94
N ASN A 182 -10.45 -25.95 4.24
CA ASN A 182 -11.92 -26.07 4.13
C ASN A 182 -12.59 -26.06 5.52
N GLU A 183 -12.16 -26.91 6.44
CA GLU A 183 -12.80 -27.05 7.77
C GLU A 183 -12.26 -25.92 8.67
N ALA A 184 -11.03 -25.46 8.46
CA ALA A 184 -10.43 -24.37 9.27
C ALA A 184 -11.38 -23.16 9.31
N PHE A 185 -12.07 -22.87 8.20
CA PHE A 185 -13.02 -21.73 8.03
C PHE A 185 -14.30 -21.91 8.87
N TYR A 186 -14.62 -23.13 9.28
CA TYR A 186 -15.86 -23.39 10.05
C TYR A 186 -15.59 -23.99 11.41
N LEU A 187 -14.39 -23.84 11.96
CA LEU A 187 -14.14 -24.33 13.33
C LEU A 187 -15.09 -23.60 14.27
N PRO A 188 -15.80 -24.34 15.17
CA PRO A 188 -16.73 -23.71 16.13
C PRO A 188 -15.99 -22.98 17.25
N GLU A 189 -14.74 -23.35 17.53
CA GLU A 189 -13.91 -22.67 18.56
C GLU A 189 -12.50 -22.52 18.03
N PRO A 190 -11.75 -21.49 18.49
CA PRO A 190 -10.38 -21.27 18.06
C PRO A 190 -9.55 -22.30 18.83
N PRO A 191 -8.67 -23.07 18.15
CA PRO A 191 -7.83 -24.04 18.85
C PRO A 191 -6.76 -23.37 19.73
N ARG A 192 -6.52 -23.98 20.90
CA ARG A 192 -5.45 -23.58 21.83
C ARG A 192 -4.12 -24.04 21.24
N ARG A 193 -4.07 -25.29 20.79
CA ARG A 193 -2.83 -25.86 20.18
C ARG A 193 -3.15 -26.27 18.75
N VAL A 194 -2.33 -25.79 17.81
CA VAL A 194 -2.58 -26.11 16.40
C VAL A 194 -1.24 -26.32 15.70
N LEU A 195 -1.24 -27.37 14.88
CA LEU A 195 -0.17 -27.72 13.94
C LEU A 195 -0.72 -27.44 12.54
N THR A 196 -0.11 -26.45 11.89
CA THR A 196 -0.36 -26.22 10.44
C THR A 196 0.79 -26.94 9.72
N VAL A 197 0.42 -27.88 8.85
CA VAL A 197 1.34 -28.78 8.12
C VAL A 197 1.50 -28.22 6.70
N GLY A 198 2.69 -27.75 6.40
CA GLY A 198 3.06 -27.23 5.08
C GLY A 198 3.83 -25.93 5.21
N GLY A 199 4.66 -25.60 4.23
CA GLY A 199 5.47 -24.37 4.19
C GLY A 199 4.94 -23.34 3.17
N GLY A 200 3.81 -23.62 2.54
CA GLY A 200 3.21 -22.74 1.55
C GLY A 200 2.45 -21.61 2.21
N PHE A 201 1.81 -20.79 1.38
CA PHE A 201 1.16 -19.54 1.80
C PHE A 201 -0.06 -19.87 2.69
N ILE A 202 -0.79 -20.95 2.41
CA ILE A 202 -2.02 -21.28 3.19
C ILE A 202 -1.66 -21.66 4.64
N SER A 203 -0.62 -22.47 4.82
CA SER A 203 -0.13 -22.89 6.15
C SER A 203 0.33 -21.65 6.91
N VAL A 204 1.12 -20.81 6.26
CA VAL A 204 1.71 -19.58 6.86
C VAL A 204 0.58 -18.59 7.24
N GLU A 205 -0.37 -18.36 6.33
CA GLU A 205 -1.46 -17.41 6.57
C GLU A 205 -2.24 -17.92 7.78
N PHE A 206 -2.57 -19.22 7.81
CA PHE A 206 -3.46 -19.81 8.84
C PHE A 206 -2.70 -19.80 10.17
N ALA A 207 -1.39 -19.98 10.16
CA ALA A 207 -0.61 -19.94 11.41
C ALA A 207 -0.81 -18.55 12.03
N GLY A 208 -0.77 -17.50 11.20
CA GLY A 208 -0.99 -16.13 11.67
C GLY A 208 -2.39 -15.97 12.26
N ILE A 209 -3.39 -16.49 11.57
CA ILE A 209 -4.78 -16.35 12.04
C ILE A 209 -4.92 -17.07 13.39
N PHE A 210 -4.55 -18.34 13.47
CA PHE A 210 -4.67 -19.15 14.70
C PHE A 210 -3.86 -18.49 15.81
N ASN A 211 -2.78 -17.80 15.44
CA ASN A 211 -1.88 -17.22 16.46
C ASN A 211 -2.61 -16.07 17.17
N ALA A 212 -3.46 -15.32 16.49
CA ALA A 212 -4.05 -14.10 17.09
C ALA A 212 -5.31 -14.48 17.89
N TYR A 213 -6.01 -15.56 17.49
CA TYR A 213 -7.30 -15.95 18.09
C TYR A 213 -7.14 -17.10 19.07
N LYS A 214 -5.92 -17.58 19.37
CA LYS A 214 -5.74 -18.75 20.28
C LYS A 214 -6.18 -18.39 21.70
N PRO A 215 -6.90 -19.26 22.40
CA PRO A 215 -7.24 -19.00 23.80
C PRO A 215 -5.96 -18.88 24.63
N PRO A 216 -6.04 -18.43 25.90
CA PRO A 216 -4.86 -18.29 26.75
C PRO A 216 -4.16 -19.64 26.90
N GLY A 217 -2.84 -19.61 27.13
CA GLY A 217 -1.95 -20.79 27.12
C GLY A 217 -2.02 -21.51 25.79
N GLY A 218 -2.00 -20.76 24.69
CA GLY A 218 -2.17 -21.29 23.32
C GLY A 218 -0.81 -21.42 22.63
N LYS A 219 -0.72 -22.23 21.57
CA LYS A 219 0.57 -22.43 20.84
C LYS A 219 0.29 -22.79 19.38
N VAL A 220 0.76 -21.97 18.46
CA VAL A 220 0.68 -22.31 17.02
C VAL A 220 2.05 -22.88 16.61
N THR A 221 2.02 -24.09 16.05
CA THR A 221 3.20 -24.79 15.46
C THR A 221 3.00 -24.97 13.97
N LEU A 222 3.95 -24.49 13.18
CA LEU A 222 3.95 -24.73 11.72
C LEU A 222 5.04 -25.76 11.44
N CYS A 223 4.72 -26.89 10.82
CA CYS A 223 5.77 -27.84 10.36
C CYS A 223 5.93 -27.77 8.83
N TYR A 224 7.18 -27.89 8.38
CA TYR A 224 7.52 -28.02 6.94
C TYR A 224 8.54 -29.15 6.71
N ARG A 225 8.31 -29.99 5.68
CA ARG A 225 9.13 -31.21 5.38
C ARG A 225 10.58 -30.83 5.03
N ASN A 226 10.86 -29.65 4.45
CA ASN A 226 12.26 -29.25 4.12
C ASN A 226 12.71 -28.13 5.05
N ASN A 227 13.80 -27.45 4.71
CA ASN A 227 14.62 -26.60 5.61
C ASN A 227 14.13 -25.16 5.79
N LEU A 228 13.36 -24.62 4.82
CA LEU A 228 12.99 -23.16 4.81
C LEU A 228 11.63 -23.01 4.14
N ILE A 229 10.70 -22.35 4.87
CA ILE A 229 9.29 -22.15 4.40
C ILE A 229 9.28 -21.34 3.10
N LEU A 230 8.14 -21.38 2.39
CA LEU A 230 7.87 -20.45 1.26
C LEU A 230 8.88 -20.65 0.11
N ARG A 231 9.07 -21.90 -0.29
CA ARG A 231 9.72 -22.22 -1.57
C ARG A 231 9.07 -21.40 -2.67
N GLY A 232 9.90 -20.79 -3.50
CA GLY A 232 9.49 -20.08 -4.73
C GLY A 232 9.46 -18.59 -4.51
N PHE A 233 9.56 -18.18 -3.23
CA PHE A 233 9.66 -16.76 -2.82
C PHE A 233 11.13 -16.45 -2.61
N ASP A 234 11.42 -15.16 -2.56
CA ASP A 234 12.77 -14.59 -2.40
C ASP A 234 13.36 -15.12 -1.11
N GLU A 235 14.63 -15.47 -1.16
CA GLU A 235 15.31 -16.20 -0.06
C GLU A 235 15.39 -15.31 1.17
N THR A 236 15.85 -14.07 1.00
CA THR A 236 15.92 -13.10 2.10
C THR A 236 14.54 -13.02 2.76
N ILE A 237 13.50 -12.89 1.97
CA ILE A 237 12.13 -12.76 2.52
C ILE A 237 11.77 -14.05 3.28
N ARG A 238 12.10 -15.23 2.76
CA ARG A 238 11.71 -16.51 3.40
C ARG A 238 12.31 -16.62 4.82
N GLU A 239 13.58 -16.28 4.96
CA GLU A 239 14.29 -16.28 6.27
C GLU A 239 13.68 -15.19 7.17
N GLU A 240 13.32 -14.02 6.60
CA GLU A 240 12.80 -12.87 7.40
C GLU A 240 11.40 -13.18 7.96
N VAL A 241 10.50 -13.65 7.10
N VAL A 241 10.47 -13.65 7.13
CA VAL A 241 9.12 -14.05 7.50
CA VAL A 241 9.09 -13.99 7.61
C VAL A 241 9.23 -15.06 8.64
C VAL A 241 9.26 -15.04 8.70
N THR A 242 10.14 -16.03 8.48
CA THR A 242 10.43 -17.12 9.46
C THR A 242 10.75 -16.51 10.83
N LYS A 243 11.66 -15.54 10.88
CA LYS A 243 11.98 -14.76 12.10
C LYS A 243 10.72 -14.11 12.67
N GLN A 244 10.00 -13.35 11.84
CA GLN A 244 8.95 -12.40 12.32
C GLN A 244 7.78 -13.22 12.82
N LEU A 245 7.54 -14.37 12.21
CA LEU A 245 6.52 -15.33 12.71
C LEU A 245 7.00 -15.86 14.07
N THR A 246 8.30 -16.11 14.23
CA THR A 246 8.88 -16.63 15.50
C THR A 246 8.77 -15.53 16.56
N ALA A 247 9.15 -14.32 16.20
CA ALA A 247 9.06 -13.14 17.10
C ALA A 247 7.63 -12.96 17.61
N ASN A 248 6.62 -13.42 16.86
CA ASN A 248 5.19 -13.24 17.20
C ASN A 248 4.69 -14.55 17.83
N GLY A 249 5.62 -15.43 18.22
CA GLY A 249 5.39 -16.59 19.10
C GLY A 249 4.93 -17.82 18.33
N ILE A 250 5.00 -17.81 17.01
CA ILE A 250 4.67 -19.02 16.21
C ILE A 250 5.91 -19.92 16.22
N GLU A 251 5.73 -21.22 16.50
CA GLU A 251 6.86 -22.19 16.45
C GLU A 251 6.97 -22.81 15.05
N ILE A 252 8.11 -22.59 14.38
CA ILE A 252 8.42 -23.09 13.01
C ILE A 252 9.25 -24.38 13.16
N MET A 253 8.67 -25.55 12.87
CA MET A 253 9.37 -26.88 12.83
C MET A 253 9.75 -27.22 11.38
N THR A 254 11.00 -27.00 11.01
CA THR A 254 11.55 -27.34 9.66
C THR A 254 12.17 -28.75 9.67
N ASN A 255 12.35 -29.30 8.49
CA ASN A 255 12.82 -30.69 8.33
C ASN A 255 11.98 -31.63 9.19
N GLU A 256 10.64 -31.44 9.22
CA GLU A 256 9.72 -32.26 10.05
C GLU A 256 8.41 -32.52 9.31
N ASN A 257 7.87 -33.71 9.49
CA ASN A 257 6.64 -34.11 8.76
C ASN A 257 5.94 -35.23 9.54
N PRO A 258 4.61 -35.12 9.79
CA PRO A 258 3.86 -36.15 10.51
C PRO A 258 3.93 -37.53 9.84
N ALA A 259 4.20 -38.59 10.62
CA ALA A 259 4.10 -40.00 10.19
C ALA A 259 2.68 -40.51 10.46
N LYS A 260 2.04 -40.07 11.54
CA LYS A 260 0.62 -40.45 11.77
C LYS A 260 -0.01 -39.61 12.87
N VAL A 261 -1.32 -39.72 12.95
CA VAL A 261 -2.13 -39.02 13.99
C VAL A 261 -3.03 -40.05 14.67
N SER A 262 -3.14 -39.95 16.00
CA SER A 262 -4.05 -40.74 16.89
C SER A 262 -4.86 -39.79 17.78
N LEU A 263 -6.19 -39.95 17.80
CA LEU A 263 -7.09 -39.36 18.82
C LEU A 263 -6.62 -39.83 20.21
N ASN A 264 -6.24 -38.89 21.08
CA ASN A 264 -6.22 -39.07 22.57
C ASN A 264 -7.66 -39.21 23.11
N THR A 265 -7.79 -39.78 24.31
CA THR A 265 -9.09 -40.11 24.95
C THR A 265 -9.90 -38.82 25.16
N ASP A 266 -9.23 -37.68 25.44
CA ASP A 266 -9.85 -36.32 25.63
C ASP A 266 -10.15 -35.58 24.30
N GLY A 267 -9.99 -36.21 23.12
CA GLY A 267 -10.41 -35.67 21.81
C GLY A 267 -9.28 -34.96 21.07
N SER A 268 -8.19 -34.65 21.78
CA SER A 268 -6.98 -33.97 21.25
C SER A 268 -6.24 -34.94 20.29
N LYS A 269 -5.26 -34.42 19.54
CA LYS A 269 -4.53 -35.20 18.51
C LYS A 269 -3.10 -35.42 18.99
N HIS A 270 -2.66 -36.68 18.95
CA HIS A 270 -1.26 -37.11 19.19
C HIS A 270 -0.65 -37.31 17.81
N VAL A 271 0.26 -36.41 17.47
CA VAL A 271 0.92 -36.37 16.14
C VAL A 271 2.27 -37.01 16.35
N THR A 272 2.56 -38.04 15.57
CA THR A 272 3.89 -38.65 15.53
C THR A 272 4.57 -38.22 14.23
N PHE A 273 5.71 -37.56 14.37
CA PHE A 273 6.55 -37.07 13.25
C PHE A 273 7.39 -38.24 12.72
N GLU A 274 8.01 -38.06 11.55
CA GLU A 274 8.99 -39.00 10.94
C GLU A 274 10.26 -39.07 11.79
N SER A 275 10.75 -37.94 12.30
CA SER A 275 11.92 -37.85 13.21
C SER A 275 11.63 -38.56 14.55
N GLY A 276 10.40 -39.07 14.76
CA GLY A 276 9.97 -39.72 16.02
C GLY A 276 9.44 -38.73 17.06
N LYS A 277 9.68 -37.43 16.88
CA LYS A 277 9.08 -36.37 17.72
C LYS A 277 7.54 -36.51 17.74
N THR A 278 6.94 -36.13 18.85
CA THR A 278 5.46 -36.11 19.04
C THR A 278 5.07 -34.72 19.52
N LEU A 279 3.81 -34.40 19.32
CA LEU A 279 3.18 -33.18 19.87
C LEU A 279 1.66 -33.44 19.94
N ASP A 280 1.01 -32.85 20.95
CA ASP A 280 -0.47 -32.86 21.12
C ASP A 280 -1.00 -31.46 20.77
N VAL A 281 -2.07 -31.44 20.00
CA VAL A 281 -2.67 -30.21 19.44
C VAL A 281 -4.16 -30.50 19.36
N ASP A 282 -4.92 -29.42 19.32
CA ASP A 282 -6.38 -29.51 19.28
C ASP A 282 -6.78 -29.64 17.82
N VAL A 283 -5.92 -29.15 16.90
CA VAL A 283 -6.14 -29.21 15.43
C VAL A 283 -4.80 -29.46 14.72
N VAL A 284 -4.89 -30.34 13.73
CA VAL A 284 -3.88 -30.63 12.67
C VAL A 284 -4.48 -30.12 11.36
N MET A 285 -3.96 -29.01 10.86
CA MET A 285 -4.44 -28.45 9.58
C MET A 285 -3.40 -28.81 8.53
N MET A 286 -3.78 -29.69 7.64
CA MET A 286 -2.91 -30.09 6.51
C MET A 286 -3.03 -29.02 5.42
N ALA A 287 -1.93 -28.36 5.05
CA ALA A 287 -1.91 -27.46 3.86
C ALA A 287 -0.61 -27.70 3.08
N ILE A 288 -0.50 -28.87 2.48
CA ILE A 288 0.74 -29.40 1.85
C ILE A 288 0.61 -29.18 0.35
N GLY A 289 -0.59 -28.94 -0.17
CA GLY A 289 -0.73 -28.69 -1.61
C GLY A 289 -2.16 -28.85 -2.01
N ARG A 290 -2.53 -28.34 -3.17
CA ARG A 290 -3.89 -28.54 -3.72
C ARG A 290 -3.75 -29.22 -5.07
N ILE A 291 -4.76 -29.96 -5.49
CA ILE A 291 -4.62 -30.75 -6.72
C ILE A 291 -5.88 -30.53 -7.53
N PRO A 292 -5.70 -30.57 -8.86
CA PRO A 292 -6.81 -30.29 -9.77
C PRO A 292 -8.00 -31.27 -9.64
N ARG A 293 -9.20 -30.69 -9.65
CA ARG A 293 -10.46 -31.44 -9.58
C ARG A 293 -10.80 -31.92 -10.98
N THR A 294 -10.19 -33.07 -11.30
CA THR A 294 -10.21 -33.79 -12.61
C THR A 294 -11.17 -34.99 -12.56
N ASN A 295 -11.13 -35.76 -11.47
CA ASN A 295 -11.93 -37.00 -11.27
C ASN A 295 -13.36 -36.85 -11.83
N ASP A 296 -14.15 -36.02 -11.17
CA ASP A 296 -15.62 -36.05 -11.27
C ASP A 296 -16.04 -35.46 -12.61
N LEU A 297 -15.10 -35.17 -13.52
CA LEU A 297 -15.44 -34.65 -14.86
C LEU A 297 -15.59 -35.79 -15.87
N GLN A 298 -14.86 -36.90 -15.63
CA GLN A 298 -14.82 -38.12 -16.47
C GLN A 298 -14.01 -37.79 -17.73
N LEU A 299 -12.69 -37.89 -17.62
CA LEU A 299 -11.74 -37.46 -18.69
C LEU A 299 -11.21 -38.70 -19.45
N GLY A 300 -11.51 -39.90 -18.94
CA GLY A 300 -11.50 -41.14 -19.74
C GLY A 300 -12.58 -41.08 -20.81
N ASN A 301 -13.72 -40.43 -20.52
CA ASN A 301 -15.01 -40.56 -21.25
C ASN A 301 -15.11 -39.61 -22.44
N VAL A 302 -14.09 -38.80 -22.73
CA VAL A 302 -13.99 -38.00 -24.00
C VAL A 302 -12.53 -37.83 -24.42
N GLY A 303 -11.58 -38.46 -23.71
CA GLY A 303 -10.13 -38.33 -23.98
C GLY A 303 -9.71 -36.86 -23.99
N VAL A 304 -9.82 -36.18 -22.85
CA VAL A 304 -9.02 -34.96 -22.53
C VAL A 304 -7.74 -35.45 -21.85
N LYS A 305 -6.58 -34.95 -22.27
CA LYS A 305 -5.26 -35.43 -21.79
C LYS A 305 -4.86 -34.58 -20.58
N LEU A 306 -4.53 -35.24 -19.47
CA LEU A 306 -3.92 -34.62 -18.26
C LEU A 306 -2.42 -34.66 -18.45
N THR A 307 -1.70 -33.99 -17.54
CA THR A 307 -0.23 -33.77 -17.54
C THR A 307 0.38 -34.81 -16.61
N PRO A 308 1.73 -34.90 -16.54
CA PRO A 308 2.41 -35.83 -15.66
C PRO A 308 2.13 -35.53 -14.18
N LYS A 309 1.32 -34.50 -13.91
CA LYS A 309 0.98 -34.05 -12.54
C LYS A 309 -0.52 -34.08 -12.28
N GLY A 310 -1.38 -34.29 -13.29
CA GLY A 310 -2.83 -34.49 -13.10
C GLY A 310 -3.67 -33.31 -13.57
N GLY A 311 -3.06 -32.15 -13.85
CA GLY A 311 -3.77 -30.97 -14.37
C GLY A 311 -4.08 -31.14 -15.85
N VAL A 312 -5.26 -30.71 -16.29
CA VAL A 312 -5.69 -30.68 -17.73
C VAL A 312 -4.59 -29.99 -18.52
N GLN A 313 -4.07 -30.66 -19.55
CA GLN A 313 -3.06 -30.09 -20.45
C GLN A 313 -3.75 -29.04 -21.31
N VAL A 314 -3.10 -27.89 -21.44
CA VAL A 314 -3.60 -26.79 -22.30
C VAL A 314 -2.39 -26.24 -23.05
N ASP A 315 -2.63 -25.67 -24.23
CA ASP A 315 -1.67 -24.78 -24.92
C ASP A 315 -1.87 -23.40 -24.30
N GLU A 316 -1.28 -22.37 -24.90
CA GLU A 316 -1.27 -20.97 -24.41
C GLU A 316 -2.66 -20.33 -24.55
N PHE A 317 -3.57 -20.93 -25.34
CA PHE A 317 -4.94 -20.39 -25.58
C PHE A 317 -5.95 -21.15 -24.70
N SER A 318 -5.45 -21.91 -23.72
CA SER A 318 -6.25 -22.71 -22.76
C SER A 318 -6.98 -23.84 -23.51
N ARG A 319 -6.45 -24.30 -24.64
CA ARG A 319 -7.07 -25.38 -25.46
C ARG A 319 -6.54 -26.72 -25.00
N THR A 320 -7.46 -27.68 -24.81
CA THR A 320 -7.20 -29.12 -24.55
C THR A 320 -6.85 -29.75 -25.89
N ASN A 321 -6.50 -31.03 -25.92
CA ASN A 321 -6.39 -31.77 -27.20
C ASN A 321 -7.75 -31.82 -27.93
N VAL A 322 -8.90 -31.64 -27.25
CA VAL A 322 -10.22 -31.87 -27.89
C VAL A 322 -10.80 -30.55 -28.37
N PRO A 323 -11.00 -30.37 -29.70
CA PRO A 323 -11.62 -29.14 -30.22
C PRO A 323 -12.89 -28.73 -29.46
N ASN A 324 -13.18 -27.43 -29.31
CA ASN A 324 -14.35 -26.90 -28.56
C ASN A 324 -14.18 -26.99 -27.03
N ILE A 325 -13.20 -27.74 -26.50
CA ILE A 325 -13.02 -27.98 -25.03
C ILE A 325 -11.76 -27.28 -24.53
N TYR A 326 -11.94 -26.35 -23.59
CA TYR A 326 -10.89 -25.53 -22.93
C TYR A 326 -10.83 -25.84 -21.42
N ALA A 327 -9.69 -25.53 -20.78
CA ALA A 327 -9.45 -25.55 -19.32
C ALA A 327 -8.68 -24.27 -18.88
N ILE A 328 -9.19 -23.58 -17.84
CA ILE A 328 -8.52 -22.40 -17.19
C ILE A 328 -8.44 -22.62 -15.69
N GLY A 329 -7.62 -21.80 -15.04
CA GLY A 329 -7.48 -21.73 -13.58
C GLY A 329 -6.81 -22.96 -13.02
N ASP A 330 -7.11 -23.29 -11.76
CA ASP A 330 -6.37 -24.23 -10.89
C ASP A 330 -6.43 -25.65 -11.53
N ILE A 331 -7.47 -26.01 -12.28
CA ILE A 331 -7.50 -27.35 -12.95
C ILE A 331 -6.30 -27.51 -13.90
N THR A 332 -5.76 -26.42 -14.47
CA THR A 332 -4.55 -26.47 -15.35
C THR A 332 -3.28 -26.69 -14.52
N ASP A 333 -3.34 -26.57 -13.18
CA ASP A 333 -2.24 -26.90 -12.23
C ASP A 333 -0.96 -26.14 -12.55
N ARG A 334 -1.06 -24.82 -12.66
CA ARG A 334 0.09 -23.91 -12.93
C ARG A 334 0.20 -22.95 -11.73
N LEU A 335 -0.05 -21.65 -11.95
N LEU A 335 -0.03 -21.64 -11.95
CA LEU A 335 -0.09 -20.61 -10.87
CA LEU A 335 -0.10 -20.62 -10.88
C LEU A 335 -1.52 -20.55 -10.33
C LEU A 335 -1.54 -20.59 -10.34
N MET A 336 -1.73 -21.09 -9.11
CA MET A 336 -3.08 -21.19 -8.51
C MET A 336 -3.41 -19.88 -7.81
N LEU A 337 -3.80 -18.88 -8.63
CA LEU A 337 -4.23 -17.53 -8.20
C LEU A 337 -5.54 -17.15 -8.89
N THR A 338 -6.44 -16.49 -8.15
CA THR A 338 -7.75 -16.07 -8.66
C THR A 338 -7.54 -15.18 -9.89
N PRO A 339 -6.70 -14.13 -9.83
CA PRO A 339 -6.58 -13.18 -10.95
C PRO A 339 -5.99 -13.80 -12.24
N VAL A 340 -5.19 -14.84 -12.08
CA VAL A 340 -4.72 -15.66 -13.22
C VAL A 340 -5.90 -16.43 -13.82
N ALA A 341 -6.70 -17.13 -13.01
CA ALA A 341 -7.95 -17.79 -13.48
C ALA A 341 -8.76 -16.76 -14.24
N ILE A 342 -8.96 -15.58 -13.63
CA ILE A 342 -9.83 -14.54 -14.24
C ILE A 342 -9.25 -14.14 -15.61
N ASN A 343 -7.95 -13.83 -15.65
CA ASN A 343 -7.26 -13.38 -16.88
C ASN A 343 -7.40 -14.44 -18.00
N GLU A 344 -7.17 -15.72 -17.66
CA GLU A 344 -7.31 -16.85 -18.60
C GLU A 344 -8.73 -16.87 -19.20
N GLY A 345 -9.75 -16.88 -18.34
CA GLY A 345 -11.16 -16.88 -18.75
C GLY A 345 -11.48 -15.71 -19.67
N ALA A 346 -11.12 -14.48 -19.28
CA ALA A 346 -11.27 -13.27 -20.11
C ALA A 346 -10.55 -13.45 -21.46
N ALA A 347 -9.34 -14.00 -21.48
CA ALA A 347 -8.56 -14.19 -22.73
C ALA A 347 -9.26 -15.23 -23.61
N LEU A 348 -9.69 -16.34 -23.03
CA LEU A 348 -10.32 -17.49 -23.72
C LEU A 348 -11.54 -17.01 -24.50
N VAL A 349 -12.41 -16.27 -23.84
CA VAL A 349 -13.69 -15.79 -24.41
C VAL A 349 -13.41 -14.67 -25.42
N ASP A 350 -12.40 -13.81 -25.18
CA ASP A 350 -12.04 -12.72 -26.12
C ASP A 350 -11.46 -13.37 -27.37
N THR A 351 -10.85 -14.54 -27.21
CA THR A 351 -10.26 -15.31 -28.33
C THR A 351 -11.43 -15.91 -29.10
N VAL A 352 -12.06 -16.93 -28.49
CA VAL A 352 -12.99 -17.92 -29.09
C VAL A 352 -14.27 -17.26 -29.61
N PHE A 353 -14.86 -16.31 -28.86
CA PHE A 353 -16.15 -15.66 -29.21
C PHE A 353 -15.92 -14.23 -29.68
N GLY A 354 -14.84 -13.60 -29.22
CA GLY A 354 -14.57 -12.19 -29.56
C GLY A 354 -13.75 -12.08 -30.84
N ASN A 355 -13.19 -13.19 -31.29
CA ASN A 355 -12.29 -13.24 -32.46
C ASN A 355 -11.14 -12.25 -32.28
N LYS A 356 -10.72 -11.98 -31.05
CA LYS A 356 -9.56 -11.12 -30.71
C LYS A 356 -8.59 -12.00 -29.93
N PRO A 357 -7.88 -12.98 -30.56
CA PRO A 357 -7.09 -13.97 -29.83
C PRO A 357 -6.05 -13.27 -28.91
N ARG A 358 -5.89 -13.81 -27.72
CA ARG A 358 -5.13 -13.18 -26.61
C ARG A 358 -4.76 -14.31 -25.65
N LYS A 359 -3.52 -14.29 -25.18
CA LYS A 359 -2.96 -15.34 -24.32
C LYS A 359 -2.60 -14.67 -23.00
N THR A 360 -2.90 -15.35 -21.92
CA THR A 360 -2.46 -14.93 -20.58
C THR A 360 -0.92 -14.97 -20.53
N ASP A 361 -0.34 -13.90 -20.02
CA ASP A 361 1.10 -13.84 -19.64
C ASP A 361 1.27 -14.42 -18.24
N HIS A 362 1.99 -15.52 -18.12
CA HIS A 362 2.18 -16.23 -16.85
C HIS A 362 3.46 -15.72 -16.22
N THR A 363 4.12 -14.76 -16.87
CA THR A 363 5.30 -14.08 -16.27
C THR A 363 4.88 -12.71 -15.68
N ARG A 364 5.66 -12.29 -14.68
CA ARG A 364 5.58 -10.92 -14.14
C ARG A 364 4.21 -10.79 -13.48
N VAL A 365 3.79 -11.85 -12.81
CA VAL A 365 2.49 -11.83 -12.08
C VAL A 365 2.75 -11.34 -10.66
N ALA A 366 2.13 -10.22 -10.30
CA ALA A 366 2.13 -9.72 -8.93
C ALA A 366 1.25 -10.63 -8.05
N SER A 367 1.74 -10.99 -6.87
CA SER A 367 0.95 -11.82 -5.94
C SER A 367 1.38 -11.47 -4.53
N ALA A 368 0.73 -12.04 -3.53
CA ALA A 368 0.96 -11.65 -2.13
C ALA A 368 0.75 -12.84 -1.22
N VAL A 369 1.43 -12.82 -0.08
CA VAL A 369 1.15 -13.71 1.07
C VAL A 369 0.71 -12.76 2.19
N PHE A 370 -0.52 -12.92 2.64
CA PHE A 370 -1.08 -12.19 3.80
C PHE A 370 -0.60 -12.89 5.04
N SER A 371 0.72 -13.09 5.09
CA SER A 371 1.43 -13.37 6.35
C SER A 371 1.41 -12.09 7.18
N ILE A 372 1.73 -12.19 8.47
CA ILE A 372 1.95 -11.02 9.34
C ILE A 372 3.44 -10.98 9.69
N PRO A 373 4.21 -10.07 9.07
CA PRO A 373 3.69 -9.11 8.10
C PRO A 373 3.71 -9.70 6.70
N PRO A 374 3.10 -9.01 5.73
CA PRO A 374 2.84 -9.61 4.41
C PRO A 374 3.97 -9.51 3.37
N ILE A 375 3.88 -10.36 2.37
CA ILE A 375 4.75 -10.44 1.17
C ILE A 375 3.97 -9.88 0.00
N GLY A 376 4.66 -9.08 -0.81
CA GLY A 376 4.25 -8.73 -2.18
C GLY A 376 5.39 -9.00 -3.12
N THR A 377 5.14 -9.68 -4.24
CA THR A 377 6.22 -10.12 -5.15
C THR A 377 5.72 -10.04 -6.58
N CYS A 378 6.64 -9.76 -7.51
CA CYS A 378 6.33 -9.75 -8.94
C CYS A 378 7.63 -10.10 -9.69
N GLY A 379 7.60 -11.20 -10.43
CA GLY A 379 8.63 -11.62 -11.37
C GLY A 379 9.66 -12.50 -10.72
N LEU A 380 10.87 -12.48 -11.25
CA LEU A 380 11.87 -13.55 -10.96
C LEU A 380 12.57 -13.30 -9.63
N ILE A 381 12.71 -14.33 -8.82
CA ILE A 381 13.67 -14.35 -7.68
C ILE A 381 15.07 -14.47 -8.29
N GLU A 382 16.09 -13.94 -7.61
CA GLU A 382 17.46 -13.86 -8.15
C GLU A 382 18.03 -15.22 -8.57
N GLU A 383 17.77 -16.30 -7.83
CA GLU A 383 18.27 -17.67 -8.16
C GLU A 383 17.86 -18.01 -9.60
N VAL A 384 16.59 -17.82 -9.92
CA VAL A 384 16.00 -18.11 -11.25
C VAL A 384 16.65 -17.17 -12.27
N ALA A 385 16.57 -15.85 -12.09
CA ALA A 385 17.19 -14.86 -12.99
C ALA A 385 18.63 -15.26 -13.35
N ALA A 386 19.42 -15.62 -12.34
CA ALA A 386 20.88 -15.92 -12.45
C ALA A 386 21.14 -17.13 -13.37
N LYS A 387 20.16 -18.02 -13.55
CA LYS A 387 20.28 -19.21 -14.43
C LYS A 387 19.91 -18.84 -15.87
N GLU A 388 19.31 -17.68 -16.09
CA GLU A 388 18.79 -17.24 -17.40
C GLU A 388 19.60 -16.08 -17.98
N PHE A 389 20.12 -15.17 -17.14
CA PHE A 389 20.83 -13.95 -17.60
C PHE A 389 22.29 -14.03 -17.15
N GLU A 390 23.21 -13.52 -17.99
N GLU A 390 23.20 -13.48 -17.97
CA GLU A 390 24.68 -13.57 -17.74
CA GLU A 390 24.67 -13.56 -17.78
C GLU A 390 25.01 -12.78 -16.47
C GLU A 390 25.07 -12.75 -16.54
N LYS A 391 24.53 -11.54 -16.40
CA LYS A 391 24.79 -10.64 -15.25
C LYS A 391 23.46 -10.11 -14.68
N VAL A 392 23.26 -10.36 -13.39
CA VAL A 392 22.05 -10.07 -12.57
C VAL A 392 22.53 -9.19 -11.44
N ALA A 393 21.87 -8.05 -11.23
CA ALA A 393 22.12 -7.13 -10.12
C ALA A 393 21.02 -7.31 -9.09
N VAL A 394 21.37 -7.33 -7.81
CA VAL A 394 20.36 -7.36 -6.71
C VAL A 394 20.53 -6.09 -5.90
N TYR A 395 19.47 -5.29 -5.88
CA TYR A 395 19.33 -4.06 -5.05
C TYR A 395 18.53 -4.49 -3.82
N MET A 396 18.99 -4.17 -2.61
CA MET A 396 18.33 -4.63 -1.37
C MET A 396 18.37 -3.52 -0.33
N SER A 397 17.24 -3.25 0.30
CA SER A 397 17.13 -2.30 1.42
C SER A 397 16.24 -2.98 2.46
N SER A 398 16.73 -3.06 3.69
CA SER A 398 16.11 -3.78 4.82
C SER A 398 16.25 -2.87 6.01
N PHE A 399 15.15 -2.26 6.42
CA PHE A 399 15.10 -1.25 7.50
C PHE A 399 13.83 -1.59 8.31
N THR A 400 13.90 -1.55 9.65
CA THR A 400 12.71 -1.46 10.54
C THR A 400 12.14 -0.05 10.39
N PRO A 401 10.94 0.15 9.77
CA PRO A 401 10.38 1.48 9.56
C PRO A 401 10.15 2.12 10.93
N LEU A 402 10.11 3.46 10.97
CA LEU A 402 10.24 4.22 12.23
C LEU A 402 9.07 3.82 13.13
N MET A 403 7.86 3.78 12.57
CA MET A 403 6.65 3.54 13.38
C MET A 403 6.91 2.29 14.25
N HIS A 404 7.71 1.31 13.80
CA HIS A 404 7.89 0.00 14.50
C HIS A 404 9.08 0.05 15.47
N ASN A 405 9.86 1.13 15.45
CA ASN A 405 10.66 1.56 16.62
C ASN A 405 9.67 1.86 17.75
N ILE A 406 8.87 2.92 17.60
CA ILE A 406 7.92 3.38 18.63
C ILE A 406 6.90 2.29 18.96
N SER A 407 6.47 1.48 18.00
CA SER A 407 5.39 0.47 18.19
C SER A 407 5.81 -0.63 19.18
N GLY A 408 7.11 -0.96 19.23
CA GLY A 408 7.67 -2.02 20.07
C GLY A 408 7.85 -3.30 19.30
N SER A 409 7.49 -3.30 18.01
CA SER A 409 7.69 -4.44 17.09
C SER A 409 8.92 -4.22 16.21
N LYS A 410 10.07 -4.00 16.86
CA LYS A 410 11.38 -3.74 16.19
C LYS A 410 11.77 -4.93 15.28
N TYR A 411 11.20 -6.11 15.49
CA TYR A 411 11.39 -7.29 14.62
C TYR A 411 10.73 -7.11 13.23
N LYS A 412 9.91 -6.09 13.02
CA LYS A 412 9.16 -5.92 11.73
C LYS A 412 10.07 -5.18 10.73
N LYS A 413 11.09 -5.85 10.22
CA LYS A 413 11.96 -5.23 9.17
C LYS A 413 11.18 -5.24 7.84
N PHE A 414 11.07 -4.09 7.17
CA PHE A 414 10.67 -3.96 5.75
C PHE A 414 11.82 -4.38 4.83
N VAL A 415 11.61 -5.36 3.95
CA VAL A 415 12.60 -5.82 2.92
C VAL A 415 12.13 -5.40 1.53
N ALA A 416 12.93 -4.64 0.79
CA ALA A 416 12.67 -4.25 -0.62
C ALA A 416 13.83 -4.75 -1.47
N LYS A 417 13.57 -5.70 -2.37
CA LYS A 417 14.56 -6.25 -3.34
C LYS A 417 14.08 -6.03 -4.77
N ILE A 418 14.98 -5.48 -5.57
CA ILE A 418 14.81 -5.38 -7.05
C ILE A 418 15.92 -6.24 -7.64
N VAL A 419 15.53 -7.24 -8.43
CA VAL A 419 16.43 -8.10 -9.23
C VAL A 419 16.39 -7.58 -10.66
N THR A 420 17.52 -7.17 -11.21
CA THR A 420 17.59 -6.69 -12.62
C THR A 420 18.49 -7.56 -13.52
N ASN A 421 18.25 -7.42 -14.83
CA ASN A 421 19.21 -7.84 -15.89
C ASN A 421 20.27 -6.76 -15.90
N HIS A 422 21.48 -7.03 -15.38
CA HIS A 422 22.47 -5.95 -15.22
C HIS A 422 22.98 -5.43 -16.57
N SER A 423 22.89 -6.23 -17.64
CA SER A 423 23.28 -5.86 -19.03
C SER A 423 22.56 -4.58 -19.43
N ASP A 424 21.26 -4.44 -19.15
CA ASP A 424 20.47 -3.28 -19.64
C ASP A 424 19.66 -2.62 -18.52
N GLY A 425 19.70 -3.17 -17.29
CA GLY A 425 19.01 -2.61 -16.12
C GLY A 425 17.51 -2.94 -16.06
N THR A 426 16.98 -3.78 -16.96
CA THR A 426 15.56 -4.21 -16.95
C THR A 426 15.23 -4.90 -15.60
N VAL A 427 14.10 -4.52 -15.02
CA VAL A 427 13.63 -5.14 -13.75
C VAL A 427 13.08 -6.52 -14.07
N LEU A 428 13.66 -7.52 -13.45
CA LEU A 428 13.21 -8.91 -13.64
C LEU A 428 12.27 -9.30 -12.50
N GLY A 429 12.53 -8.82 -11.30
CA GLY A 429 11.74 -9.17 -10.10
C GLY A 429 11.82 -8.07 -9.06
N VAL A 430 10.74 -7.95 -8.29
CA VAL A 430 10.59 -7.06 -7.13
C VAL A 430 9.95 -7.90 -6.03
N HIS A 431 10.53 -7.87 -4.83
CA HIS A 431 10.12 -8.72 -3.68
C HIS A 431 10.12 -7.84 -2.45
N LEU A 432 8.99 -7.77 -1.73
CA LEU A 432 8.74 -6.85 -0.60
C LEU A 432 8.31 -7.72 0.57
N LEU A 433 8.82 -7.42 1.76
CA LEU A 433 8.23 -7.97 3.00
C LEU A 433 7.95 -6.78 3.91
N GLY A 434 6.71 -6.62 4.35
CA GLY A 434 6.37 -5.62 5.37
C GLY A 434 4.97 -5.09 5.16
N ASP A 435 4.44 -4.38 6.14
CA ASP A 435 3.07 -3.80 6.08
C ASP A 435 2.96 -3.06 4.76
N GLY A 436 1.91 -3.33 3.99
CA GLY A 436 1.63 -2.62 2.74
C GLY A 436 2.19 -3.27 1.49
N ALA A 437 3.10 -4.25 1.60
CA ALA A 437 3.74 -4.97 0.47
C ALA A 437 2.71 -5.39 -0.60
N PRO A 438 1.57 -6.05 -0.28
CA PRO A 438 0.59 -6.44 -1.32
C PRO A 438 -0.03 -5.26 -2.08
N GLU A 439 -0.24 -4.11 -1.42
CA GLU A 439 -0.77 -2.88 -2.03
C GLU A 439 0.32 -2.24 -2.88
N ILE A 440 1.54 -2.20 -2.36
CA ILE A 440 2.70 -1.58 -3.06
C ILE A 440 2.92 -2.29 -4.39
N ILE A 441 2.82 -3.62 -4.40
CA ILE A 441 3.34 -4.44 -5.51
C ILE A 441 2.43 -4.36 -6.74
N GLN A 442 1.17 -3.95 -6.60
CA GLN A 442 0.22 -4.06 -7.73
C GLN A 442 0.73 -3.24 -8.93
N ALA A 443 1.06 -1.98 -8.70
CA ALA A 443 1.50 -1.03 -9.75
C ALA A 443 2.93 -1.40 -10.18
N VAL A 444 3.67 -2.11 -9.32
CA VAL A 444 4.95 -2.74 -9.77
C VAL A 444 4.67 -3.74 -10.91
N GLY A 445 3.57 -4.51 -10.84
CA GLY A 445 3.12 -5.36 -11.95
C GLY A 445 3.02 -4.60 -13.26
N VAL A 446 2.42 -3.43 -13.25
CA VAL A 446 2.31 -2.58 -14.46
C VAL A 446 3.69 -2.14 -14.94
N CYS A 447 4.58 -1.80 -14.03
CA CYS A 447 5.96 -1.32 -14.34
C CYS A 447 6.69 -2.43 -15.09
N LEU A 448 6.53 -3.66 -14.66
CA LEU A 448 7.29 -4.78 -15.26
C LEU A 448 6.75 -5.10 -16.68
N ARG A 449 5.43 -5.01 -16.87
N ARG A 449 5.44 -4.98 -16.89
CA ARG A 449 4.78 -5.10 -18.22
CA ARG A 449 4.80 -5.12 -18.22
C ARG A 449 5.36 -4.02 -19.13
C ARG A 449 5.27 -4.00 -19.15
N LEU A 450 5.63 -2.83 -18.60
CA LEU A 450 6.20 -1.71 -19.40
C LEU A 450 7.73 -1.83 -19.51
N ASN A 451 8.35 -2.89 -19.05
CA ASN A 451 9.82 -3.11 -19.22
C ASN A 451 10.57 -2.02 -18.44
N ALA A 452 10.04 -1.64 -17.28
CA ALA A 452 10.74 -0.75 -16.34
C ALA A 452 12.19 -1.21 -16.11
N LYS A 453 13.09 -0.26 -16.22
CA LYS A 453 14.51 -0.44 -15.82
C LYS A 453 14.65 0.08 -14.40
N ILE A 454 15.72 -0.31 -13.69
CA ILE A 454 16.03 0.19 -12.32
C ILE A 454 16.07 1.73 -12.33
N SER A 455 16.49 2.33 -13.44
CA SER A 455 16.64 3.81 -13.51
C SER A 455 15.29 4.49 -13.64
N ASP A 456 14.25 3.83 -14.20
CA ASP A 456 12.86 4.35 -14.16
C ASP A 456 12.37 4.44 -12.70
N PHE A 457 12.75 3.48 -11.88
CA PHE A 457 12.43 3.47 -10.42
C PHE A 457 13.18 4.62 -9.77
N TYR A 458 14.52 4.67 -9.86
CA TYR A 458 15.31 5.63 -9.03
C TYR A 458 15.14 7.06 -9.56
N ASN A 459 14.74 7.27 -10.82
CA ASN A 459 14.50 8.64 -11.36
C ASN A 459 13.07 9.08 -11.05
N THR A 460 12.22 8.19 -10.54
CA THR A 460 10.86 8.58 -10.10
C THR A 460 10.97 9.23 -8.71
N ILE A 461 10.29 10.35 -8.49
CA ILE A 461 10.32 11.07 -7.18
C ILE A 461 9.49 10.28 -6.17
N GLY A 462 10.06 10.09 -4.98
CA GLY A 462 9.46 9.32 -3.90
C GLY A 462 8.24 10.01 -3.33
N VAL A 463 7.32 9.21 -2.81
CA VAL A 463 6.22 9.64 -1.92
C VAL A 463 6.70 9.47 -0.48
N HIS A 464 6.81 10.59 0.26
CA HIS A 464 7.43 10.61 1.60
C HIS A 464 6.42 11.06 2.65
N PRO A 465 6.30 10.42 3.82
CA PRO A 465 6.94 9.13 4.11
C PRO A 465 6.11 7.87 3.83
N THR A 466 6.69 6.93 3.11
CA THR A 466 6.11 5.61 2.78
C THR A 466 7.20 4.53 2.87
N SER A 467 6.83 3.26 2.98
CA SER A 467 7.76 2.14 2.72
C SER A 467 8.04 2.07 1.20
N ALA A 468 7.02 2.33 0.38
CA ALA A 468 7.06 2.20 -1.09
C ALA A 468 8.22 3.01 -1.67
N GLU A 469 8.52 4.19 -1.13
CA GLU A 469 9.53 5.13 -1.73
C GLU A 469 10.94 4.51 -1.71
N GLU A 470 11.18 3.51 -0.88
CA GLU A 470 12.46 2.78 -0.89
C GLU A 470 12.71 2.17 -2.27
N LEU A 471 11.64 1.81 -3.00
CA LEU A 471 11.74 1.26 -4.38
C LEU A 471 12.37 2.28 -5.33
N CYS A 472 12.27 3.57 -4.98
CA CYS A 472 12.68 4.71 -5.85
C CYS A 472 13.99 5.33 -5.32
N SER A 473 14.66 4.66 -4.35
CA SER A 473 15.90 5.11 -3.66
C SER A 473 17.10 4.16 -3.81
N MET A 474 16.99 3.11 -4.61
CA MET A 474 18.06 2.10 -4.76
C MET A 474 18.74 2.28 -6.11
N ARG A 475 20.00 2.75 -6.09
CA ARG A 475 20.81 3.17 -7.27
C ARG A 475 22.01 2.26 -7.43
N THR A 476 22.40 1.55 -6.38
CA THR A 476 23.68 0.81 -6.34
C THR A 476 23.36 -0.64 -6.01
N PRO A 477 23.68 -1.60 -6.91
CA PRO A 477 23.53 -3.01 -6.55
C PRO A 477 24.18 -3.33 -5.18
N SER A 478 23.59 -4.28 -4.44
CA SER A 478 24.12 -4.79 -3.16
C SER A 478 25.06 -5.93 -3.50
N TYR A 479 24.78 -6.67 -4.56
CA TYR A 479 25.65 -7.74 -5.08
C TYR A 479 25.12 -8.17 -6.45
N TYR A 480 25.76 -9.16 -7.04
CA TYR A 480 25.48 -9.63 -8.43
C TYR A 480 25.51 -11.15 -8.46
N TYR A 481 24.94 -11.68 -9.54
CA TYR A 481 25.30 -13.03 -10.03
C TYR A 481 25.93 -12.80 -11.39
N VAL A 482 27.12 -13.39 -11.59
CA VAL A 482 27.84 -13.41 -12.89
C VAL A 482 27.97 -14.87 -13.29
N LYS A 483 27.39 -15.20 -14.45
CA LYS A 483 27.27 -16.57 -14.99
C LYS A 483 26.88 -17.52 -13.86
N GLY A 484 25.85 -17.17 -13.07
CA GLY A 484 25.27 -18.07 -12.05
C GLY A 484 25.94 -17.92 -10.71
N GLU A 485 27.03 -17.16 -10.65
CA GLU A 485 27.93 -17.14 -9.48
C GLU A 485 27.70 -15.85 -8.70
N LYS A 486 27.43 -15.92 -7.40
CA LYS A 486 27.21 -14.73 -6.55
C LYS A 486 28.53 -14.02 -6.27
N MET A 487 28.55 -12.68 -6.28
CA MET A 487 29.73 -11.84 -5.88
C MET A 487 29.31 -10.41 -5.53
N GLU A 488 30.03 -9.81 -4.59
CA GLU A 488 29.82 -8.40 -4.19
C GLU A 488 30.08 -7.49 -5.38
N LYS A 489 31.12 -7.76 -6.15
CA LYS A 489 31.59 -6.84 -7.23
C LYS A 489 31.61 -7.55 -8.58
N LEU A 490 31.39 -6.78 -9.65
CA LEU A 490 31.69 -7.23 -11.03
C LEU A 490 33.21 -7.24 -11.22
N PRO A 491 33.77 -8.10 -12.10
CA PRO A 491 35.13 -7.93 -12.60
C PRO A 491 35.32 -6.72 -13.54
N LYS B 6 36.09 31.01 6.17
CA LYS B 6 37.01 30.23 5.28
C LYS B 6 36.44 30.24 3.86
N ALA B 7 37.06 29.48 2.96
CA ALA B 7 36.68 29.38 1.52
C ALA B 7 36.09 27.99 1.25
N PHE B 8 34.96 27.94 0.55
CA PHE B 8 34.19 26.71 0.23
C PHE B 8 33.83 26.75 -1.26
N ASP B 9 33.80 25.58 -1.89
CA ASP B 9 33.24 25.40 -3.24
C ASP B 9 31.75 25.78 -3.18
N LEU B 10 31.06 25.35 -2.12
CA LEU B 10 29.59 25.52 -1.97
C LEU B 10 29.28 25.86 -0.52
N VAL B 11 28.49 26.92 -0.37
CA VAL B 11 27.85 27.23 0.94
C VAL B 11 26.36 27.06 0.72
N VAL B 12 25.75 26.21 1.56
CA VAL B 12 24.28 25.94 1.56
C VAL B 12 23.66 26.64 2.76
N ILE B 13 22.67 27.48 2.50
CA ILE B 13 21.94 28.12 3.61
C ILE B 13 20.66 27.33 3.75
N GLY B 14 20.55 26.63 4.89
CA GLY B 14 19.47 25.72 5.28
C GLY B 14 19.94 24.27 5.23
N ALA B 15 19.94 23.58 6.36
CA ALA B 15 20.32 22.14 6.47
C ALA B 15 19.06 21.30 6.44
N GLY B 16 18.28 21.47 5.37
CA GLY B 16 17.02 20.76 5.17
C GLY B 16 17.07 19.71 4.06
N SER B 17 15.89 19.32 3.60
CA SER B 17 15.69 18.20 2.66
C SER B 17 16.59 18.48 1.45
N GLY B 18 16.40 19.64 0.79
CA GLY B 18 17.18 20.04 -0.38
C GLY B 18 18.62 20.36 -0.06
N GLY B 19 18.86 21.20 0.95
CA GLY B 19 20.23 21.61 1.36
C GLY B 19 21.15 20.44 1.68
N LEU B 20 20.68 19.44 2.44
CA LEU B 20 21.52 18.26 2.79
C LEU B 20 21.74 17.36 1.57
N GLU B 21 20.75 17.19 0.72
CA GLU B 21 20.94 16.40 -0.53
C GLU B 21 22.06 17.07 -1.33
N ALA B 22 21.95 18.37 -1.56
CA ALA B 22 22.91 19.18 -2.37
C ALA B 22 24.31 19.10 -1.75
N GLY B 23 24.41 19.41 -0.45
CA GLY B 23 25.68 19.51 0.30
C GLY B 23 26.40 18.17 0.38
N TRP B 24 25.66 17.10 0.63
CA TRP B 24 26.21 15.73 0.72
C TRP B 24 26.69 15.32 -0.68
N ASN B 25 25.84 15.48 -1.69
CA ASN B 25 26.21 15.09 -3.07
C ASN B 25 27.48 15.86 -3.49
N ALA B 26 27.54 17.17 -3.31
CA ALA B 26 28.70 17.98 -3.77
C ALA B 26 29.97 17.50 -3.04
N ALA B 27 29.93 17.31 -1.71
CA ALA B 27 31.06 16.81 -0.92
C ALA B 27 31.43 15.38 -1.37
N THR B 28 30.48 14.47 -1.36
CA THR B 28 30.78 13.02 -1.41
C THR B 28 30.85 12.56 -2.86
N LEU B 29 29.99 13.06 -3.76
CA LEU B 29 29.98 12.55 -5.16
C LEU B 29 30.97 13.38 -5.98
N TYR B 30 31.08 14.69 -5.73
CA TYR B 30 31.92 15.57 -6.59
C TYR B 30 33.14 16.07 -5.82
N GLY B 31 33.33 15.63 -4.57
CA GLY B 31 34.55 15.91 -3.79
C GLY B 31 34.78 17.42 -3.66
N LYS B 32 33.72 18.23 -3.56
CA LYS B 32 33.82 19.68 -3.28
C LYS B 32 33.96 19.88 -1.78
N ARG B 33 34.48 21.03 -1.36
CA ARG B 33 34.59 21.40 0.06
C ARG B 33 33.33 22.21 0.36
N VAL B 34 32.48 21.71 1.28
CA VAL B 34 31.09 22.21 1.41
C VAL B 34 30.83 22.71 2.83
N ALA B 35 30.15 23.86 2.93
CA ALA B 35 29.65 24.45 4.20
C ALA B 35 28.12 24.48 4.16
N VAL B 36 27.46 24.08 5.26
CA VAL B 36 25.97 24.13 5.35
C VAL B 36 25.65 24.87 6.64
N VAL B 37 24.64 25.73 6.59
CA VAL B 37 24.26 26.59 7.75
C VAL B 37 22.79 26.33 8.12
N ASP B 38 22.53 26.22 9.42
CA ASP B 38 21.16 26.15 10.01
C ASP B 38 21.18 26.79 11.40
N VAL B 39 19.99 27.12 11.87
CA VAL B 39 19.75 28.02 13.02
C VAL B 39 19.69 27.22 14.31
N GLN B 40 19.68 25.88 14.22
CA GLN B 40 19.46 24.97 15.40
C GLN B 40 20.01 23.58 15.07
N THR B 41 20.42 22.83 16.09
CA THR B 41 21.06 21.50 15.91
C THR B 41 20.00 20.45 16.19
N SER B 42 18.89 20.84 16.84
CA SER B 42 17.82 19.90 17.18
C SER B 42 16.48 20.64 17.17
N HIS B 43 15.42 19.84 17.15
CA HIS B 43 14.04 20.27 16.85
C HIS B 43 13.48 21.21 17.92
N GLY B 44 12.49 22.01 17.53
CA GLY B 44 11.54 22.61 18.48
C GLY B 44 11.87 24.07 18.79
N PRO B 45 11.12 24.68 19.74
CA PRO B 45 11.26 26.08 20.10
C PRO B 45 12.70 26.44 20.42
N PRO B 46 13.16 27.66 20.03
CA PRO B 46 12.30 28.65 19.38
C PRO B 46 12.19 28.67 17.85
N PHE B 47 13.08 28.04 17.06
CA PHE B 47 13.07 28.23 15.58
C PHE B 47 12.42 27.03 14.85
N TYR B 48 12.07 25.96 15.59
CA TYR B 48 11.24 24.79 15.18
C TYR B 48 11.96 23.93 14.15
N ALA B 49 12.15 24.37 12.90
CA ALA B 49 13.03 23.63 11.96
C ALA B 49 14.48 23.75 12.45
N ALA B 50 15.31 22.78 12.11
CA ALA B 50 16.71 22.71 12.58
C ALA B 50 17.42 21.79 11.63
N LEU B 51 18.64 21.42 11.97
CA LEU B 51 19.41 20.36 11.29
C LEU B 51 18.41 19.27 10.91
N GLY B 52 18.29 18.96 9.62
CA GLY B 52 17.33 17.96 9.08
C GLY B 52 16.27 18.62 8.21
N GLY B 53 15.88 19.85 8.54
CA GLY B 53 14.86 20.59 7.80
C GLY B 53 13.50 20.52 8.45
N THR B 54 12.50 21.03 7.73
CA THR B 54 11.12 21.16 8.24
C THR B 54 10.53 19.75 8.35
N CYS B 55 10.84 18.90 7.38
CA CYS B 55 10.22 17.58 7.22
C CYS B 55 10.58 16.74 8.44
N VAL B 56 11.87 16.72 8.75
CA VAL B 56 12.40 15.97 9.91
C VAL B 56 11.82 16.49 11.20
N ASN B 57 11.86 17.81 11.37
CA ASN B 57 11.69 18.45 12.70
C ASN B 57 10.21 18.76 12.94
N VAL B 58 9.51 19.36 11.98
CA VAL B 58 8.10 19.79 12.19
C VAL B 58 7.35 19.63 10.86
N GLY B 59 7.49 18.47 10.22
CA GLY B 59 6.68 18.12 9.04
C GLY B 59 6.50 16.63 8.89
N CYS B 60 6.84 16.09 7.70
CA CYS B 60 6.49 14.72 7.23
C CYS B 60 6.68 13.70 8.35
N VAL B 61 7.85 13.69 8.96
CA VAL B 61 8.29 12.64 9.92
C VAL B 61 7.43 12.66 11.16
N PRO B 62 7.41 13.73 12.00
CA PRO B 62 6.55 13.77 13.18
C PRO B 62 5.07 13.59 12.82
N LYS B 63 4.64 14.23 11.74
CA LYS B 63 3.19 14.22 11.40
C LYS B 63 2.79 12.78 11.05
N LYS B 64 3.64 12.04 10.34
CA LYS B 64 3.33 10.64 9.97
C LYS B 64 3.18 9.79 11.23
N LEU B 65 4.11 9.92 12.17
CA LEU B 65 4.11 9.19 13.47
C LEU B 65 2.83 9.53 14.21
N MET B 66 2.43 10.81 14.19
CA MET B 66 1.23 11.26 14.92
C MET B 66 -0.03 10.79 14.20
N VAL B 67 -0.04 10.81 12.87
CA VAL B 67 -1.23 10.25 12.19
C VAL B 67 -1.26 8.75 12.53
N THR B 68 -0.13 8.05 12.50
CA THR B 68 -0.15 6.60 12.80
C THR B 68 -0.80 6.43 14.19
N GLY B 69 -0.42 7.27 15.16
CA GLY B 69 -1.01 7.24 16.51
C GLY B 69 -2.53 7.42 16.41
N ALA B 70 -2.98 8.45 15.68
CA ALA B 70 -4.40 8.80 15.50
C ALA B 70 -5.18 7.63 14.89
N GLN B 71 -4.55 6.84 14.04
CA GLN B 71 -5.24 5.72 13.35
C GLN B 71 -5.70 4.63 14.34
N TYR B 72 -5.07 4.47 15.51
CA TYR B 72 -5.47 3.42 16.50
C TYR B 72 -6.87 3.71 17.06
N MET B 73 -7.36 4.95 17.01
CA MET B 73 -8.75 5.21 17.40
C MET B 73 -9.67 4.36 16.52
N ASP B 74 -9.39 4.36 15.22
CA ASP B 74 -10.17 3.57 14.24
C ASP B 74 -9.93 2.08 14.49
N HIS B 75 -8.66 1.63 14.70
CA HIS B 75 -8.34 0.18 14.81
C HIS B 75 -9.05 -0.34 16.07
N LEU B 76 -8.89 0.36 17.20
CA LEU B 76 -9.49 -0.13 18.49
C LEU B 76 -10.98 -0.37 18.27
N ARG B 77 -11.70 0.61 17.72
CA ARG B 77 -13.15 0.47 17.42
C ARG B 77 -13.40 -0.66 16.40
N GLU B 78 -12.60 -0.71 15.33
CA GLU B 78 -12.84 -1.60 14.19
C GLU B 78 -12.52 -3.04 14.63
N SER B 79 -11.64 -3.22 15.60
CA SER B 79 -11.24 -4.58 16.05
C SER B 79 -12.51 -5.36 16.41
N ALA B 80 -13.53 -4.68 16.93
CA ALA B 80 -14.72 -5.37 17.48
C ALA B 80 -15.45 -6.13 16.39
N GLY B 81 -15.49 -5.63 15.15
CA GLY B 81 -16.20 -6.33 14.05
C GLY B 81 -15.58 -7.71 13.81
N PHE B 82 -14.29 -7.82 14.14
CA PHE B 82 -13.45 -9.04 13.98
C PHE B 82 -13.37 -9.79 15.32
N GLY B 83 -14.25 -9.44 16.26
CA GLY B 83 -14.52 -10.18 17.51
C GLY B 83 -13.55 -9.84 18.62
N TRP B 84 -12.79 -8.75 18.48
CA TRP B 84 -11.92 -8.33 19.58
C TRP B 84 -12.79 -7.65 20.64
N GLU B 85 -12.48 -7.92 21.90
CA GLU B 85 -13.26 -7.48 23.07
C GLU B 85 -12.24 -7.00 24.07
N PHE B 86 -12.50 -5.83 24.66
CA PHE B 86 -11.73 -5.29 25.79
C PHE B 86 -12.55 -4.20 26.46
N ASP B 87 -12.09 -3.74 27.63
CA ASP B 87 -12.87 -2.76 28.40
C ASP B 87 -12.75 -1.39 27.72
N GLY B 88 -13.76 -1.03 26.93
CA GLY B 88 -13.85 0.26 26.23
C GLY B 88 -13.62 1.46 27.15
N SER B 89 -14.14 1.42 28.37
CA SER B 89 -14.10 2.57 29.29
C SER B 89 -12.67 2.74 29.85
N SER B 90 -11.75 1.79 29.63
CA SER B 90 -10.37 1.90 30.13
C SER B 90 -9.52 2.62 29.08
N VAL B 91 -10.11 2.96 27.93
CA VAL B 91 -9.34 3.49 26.77
C VAL B 91 -9.00 4.97 26.97
N LYS B 92 -7.70 5.31 26.98
CA LYS B 92 -7.21 6.70 26.96
C LYS B 92 -6.18 6.82 25.85
N ALA B 93 -6.24 7.93 25.11
CA ALA B 93 -5.22 8.38 24.15
C ALA B 93 -4.28 9.36 24.87
N ASN B 94 -3.17 8.84 25.39
CA ASN B 94 -2.14 9.62 26.10
C ASN B 94 -1.29 10.36 25.05
N TRP B 95 -1.67 11.60 24.82
CA TRP B 95 -1.01 12.57 23.92
C TRP B 95 0.44 12.85 24.38
N LYS B 96 0.68 12.88 25.69
CA LYS B 96 2.04 13.14 26.24
C LYS B 96 3.00 12.02 25.80
N LYS B 97 2.56 10.77 25.86
CA LYS B 97 3.40 9.62 25.40
C LYS B 97 3.69 9.77 23.89
N LEU B 98 2.67 10.11 23.10
CA LEU B 98 2.87 10.29 21.64
C LEU B 98 3.94 11.34 21.41
N ILE B 99 3.79 12.51 22.05
CA ILE B 99 4.72 13.65 21.82
C ILE B 99 6.12 13.23 22.24
N ALA B 100 6.26 12.60 23.39
CA ALA B 100 7.56 12.14 23.93
C ALA B 100 8.19 11.14 22.95
N ALA B 101 7.39 10.18 22.47
CA ALA B 101 7.81 9.19 21.45
C ALA B 101 8.30 9.95 20.21
N LYS B 102 7.52 10.91 19.72
CA LYS B 102 7.84 11.72 18.50
C LYS B 102 9.13 12.51 18.74
N ASN B 103 9.26 13.14 19.90
CA ASN B 103 10.43 13.99 20.21
C ASN B 103 11.73 13.16 20.17
N GLU B 104 11.73 11.99 20.78
CA GLU B 104 12.92 11.08 20.77
C GLU B 104 13.26 10.72 19.33
N ALA B 105 12.24 10.37 18.57
CA ALA B 105 12.39 9.93 17.17
C ALA B 105 13.04 11.05 16.38
N VAL B 106 12.51 12.26 16.50
CA VAL B 106 13.06 13.46 15.83
C VAL B 106 14.46 13.74 16.38
N LEU B 107 14.67 13.73 17.71
CA LEU B 107 16.02 14.03 18.24
C LEU B 107 17.02 13.00 17.71
N ASP B 108 16.64 11.74 17.58
CA ASP B 108 17.57 10.70 17.08
C ASP B 108 18.04 11.10 15.68
N ILE B 109 17.13 11.58 14.82
CA ILE B 109 17.48 12.02 13.44
C ILE B 109 18.44 13.21 13.54
N ASN B 110 18.11 14.23 14.35
CA ASN B 110 18.96 15.44 14.60
C ASN B 110 20.38 14.95 14.90
N LYS B 111 20.50 13.99 15.81
CA LYS B 111 21.80 13.46 16.28
C LYS B 111 22.51 12.79 15.12
N SER B 112 21.80 12.05 14.28
CA SER B 112 22.49 11.28 13.21
C SER B 112 23.04 12.27 12.17
N TYR B 113 22.32 13.36 11.88
CA TYR B 113 22.77 14.46 10.98
C TYR B 113 24.01 15.12 11.58
N GLU B 114 24.02 15.39 12.90
CA GLU B 114 25.24 15.92 13.59
C GLU B 114 26.44 15.00 13.36
N GLY B 115 26.24 13.69 13.54
CA GLY B 115 27.30 12.69 13.36
C GLY B 115 27.73 12.65 11.92
N MET B 116 26.77 12.71 11.00
CA MET B 116 27.06 12.80 9.54
C MET B 116 28.05 13.96 9.26
N PHE B 117 27.84 15.17 9.83
CA PHE B 117 28.75 16.34 9.65
C PHE B 117 30.11 16.05 10.31
N ASN B 118 30.09 15.41 11.48
CA ASN B 118 31.33 15.03 12.21
C ASN B 118 32.12 14.02 11.37
N ASP B 119 31.44 13.04 10.78
CA ASP B 119 32.08 11.86 10.16
C ASP B 119 32.47 12.15 8.71
N THR B 120 31.85 13.14 8.07
CA THR B 120 32.01 13.45 6.61
C THR B 120 33.00 14.60 6.45
N GLU B 121 34.22 14.26 6.01
CA GLU B 121 35.32 15.22 5.73
C GLU B 121 34.87 16.07 4.53
N GLY B 122 35.10 17.38 4.55
CA GLY B 122 34.78 18.28 3.43
C GLY B 122 33.30 18.68 3.40
N LEU B 123 32.56 18.35 4.45
CA LEU B 123 31.16 18.78 4.69
C LEU B 123 31.07 19.34 6.11
N ASP B 124 30.92 20.67 6.23
CA ASP B 124 31.08 21.41 7.51
C ASP B 124 29.77 22.08 7.87
N PHE B 125 29.33 21.88 9.11
CA PHE B 125 28.16 22.56 9.72
C PHE B 125 28.57 23.84 10.44
N PHE B 126 27.78 24.90 10.25
CA PHE B 126 27.85 26.18 11.00
C PHE B 126 26.48 26.49 11.55
N LEU B 127 26.43 26.70 12.84
CA LEU B 127 25.21 27.06 13.57
C LEU B 127 24.97 28.57 13.48
N GLY B 128 23.75 28.96 13.17
CA GLY B 128 23.28 30.35 13.25
C GLY B 128 22.57 30.77 11.99
N TRP B 129 22.46 32.09 11.78
CA TRP B 129 21.65 32.73 10.72
C TRP B 129 22.51 33.15 9.53
N GLY B 130 22.31 32.47 8.39
CA GLY B 130 23.02 32.77 7.13
C GLY B 130 22.31 33.88 6.37
N SER B 131 23.09 34.75 5.75
CA SER B 131 22.61 35.86 4.88
C SER B 131 23.70 36.13 3.84
N LEU B 132 23.33 36.79 2.74
CA LEU B 132 24.29 37.13 1.66
C LEU B 132 24.88 38.49 1.96
N GLU B 133 26.17 38.51 2.25
CA GLU B 133 26.98 39.74 2.42
C GLU B 133 27.31 40.25 1.01
N SER B 134 27.94 39.40 0.21
CA SER B 134 28.41 39.65 -1.17
C SER B 134 28.17 38.36 -1.97
N LYS B 135 28.29 38.41 -3.30
CA LYS B 135 27.82 37.31 -4.19
C LYS B 135 28.68 36.06 -4.00
N ASN B 136 29.77 36.20 -3.23
CA ASN B 136 30.76 35.14 -2.96
C ASN B 136 31.08 35.11 -1.46
N VAL B 137 30.23 35.71 -0.62
CA VAL B 137 30.45 35.70 0.86
C VAL B 137 29.11 35.54 1.59
N VAL B 138 28.95 34.41 2.28
CA VAL B 138 27.80 34.18 3.22
C VAL B 138 28.28 34.60 4.61
N VAL B 139 27.51 35.45 5.28
CA VAL B 139 27.79 35.81 6.69
C VAL B 139 26.83 35.02 7.57
N VAL B 140 27.36 34.34 8.59
CA VAL B 140 26.57 33.62 9.62
C VAL B 140 26.56 34.51 10.87
N ARG B 141 25.36 34.82 11.37
CA ARG B 141 25.14 35.72 12.53
C ARG B 141 24.45 34.99 13.68
N GLU B 142 24.47 35.64 14.85
CA GLU B 142 23.88 35.15 16.12
C GLU B 142 22.37 35.00 15.93
N THR B 143 21.70 36.02 15.41
CA THR B 143 20.23 36.03 15.28
C THR B 143 19.83 36.39 13.84
N ALA B 144 18.52 36.37 13.59
CA ALA B 144 17.84 36.73 12.32
C ALA B 144 18.13 38.20 12.01
N ASP B 145 18.20 39.00 13.08
CA ASP B 145 18.52 40.46 13.06
C ASP B 145 19.90 40.65 12.41
N PRO B 146 20.03 41.46 11.35
CA PRO B 146 21.33 41.64 10.69
C PRO B 146 22.33 42.52 11.48
N LYS B 147 21.89 43.15 12.58
CA LYS B 147 22.75 43.89 13.55
C LYS B 147 23.60 42.90 14.36
N SER B 148 23.00 41.75 14.74
CA SER B 148 23.54 40.67 15.62
C SER B 148 24.98 40.28 15.27
N ALA B 149 25.70 39.67 16.21
CA ALA B 149 27.15 39.39 16.11
C ALA B 149 27.46 38.35 15.02
N VAL B 150 28.57 38.56 14.31
CA VAL B 150 29.06 37.70 13.20
C VAL B 150 29.77 36.49 13.82
N LYS B 151 29.14 35.32 13.73
CA LYS B 151 29.77 34.06 14.18
C LYS B 151 30.76 33.66 13.10
N GLU B 152 30.38 33.73 11.82
CA GLU B 152 31.29 33.29 10.74
C GLU B 152 31.10 34.16 9.51
N ARG B 153 32.10 34.17 8.61
CA ARG B 153 32.04 34.74 7.24
C ARG B 153 32.70 33.74 6.28
N LEU B 154 31.92 33.30 5.29
CA LEU B 154 32.23 32.11 4.46
C LEU B 154 32.35 32.55 3.01
N GLN B 155 33.57 32.45 2.48
CA GLN B 155 33.92 32.67 1.06
C GLN B 155 33.41 31.43 0.30
N ALA B 156 32.77 31.67 -0.84
CA ALA B 156 31.88 30.71 -1.50
C ALA B 156 31.89 30.96 -3.02
N ASP B 157 32.57 30.09 -3.77
CA ASP B 157 32.49 30.02 -5.25
C ASP B 157 31.01 30.02 -5.61
N HIS B 158 30.27 29.08 -5.01
CA HIS B 158 28.83 28.82 -5.29
C HIS B 158 28.04 28.90 -3.98
N ILE B 159 26.83 29.44 -4.04
CA ILE B 159 25.89 29.61 -2.91
C ILE B 159 24.51 29.01 -3.29
N LEU B 160 24.01 28.14 -2.42
CA LEU B 160 22.67 27.51 -2.58
C LEU B 160 21.75 28.07 -1.50
N LEU B 161 20.61 28.62 -1.87
CA LEU B 161 19.59 29.07 -0.91
C LEU B 161 18.61 27.91 -0.73
N ALA B 162 18.44 27.42 0.49
CA ALA B 162 17.59 26.22 0.75
C ALA B 162 16.96 26.35 2.14
N THR B 163 16.41 27.54 2.42
CA THR B 163 15.90 27.97 3.74
C THR B 163 14.44 27.61 3.90
N GLY B 164 13.84 27.08 2.83
CA GLY B 164 12.49 26.49 2.91
C GLY B 164 11.42 27.56 3.12
N SER B 165 10.32 27.17 3.74
CA SER B 165 9.12 28.01 3.88
C SER B 165 8.78 28.10 5.35
N TRP B 166 7.66 28.74 5.67
CA TRP B 166 7.28 29.17 7.03
C TRP B 166 5.77 29.36 7.04
N PRO B 167 5.04 29.06 8.14
CA PRO B 167 3.58 29.17 8.14
C PRO B 167 3.18 30.64 7.89
N GLN B 168 2.04 30.81 7.23
CA GLN B 168 1.37 32.10 6.98
C GLN B 168 0.29 32.33 8.04
N MET B 169 0.28 33.50 8.70
CA MET B 169 -0.70 33.85 9.75
C MET B 169 -1.47 35.06 9.24
N PRO B 170 -2.82 34.98 9.11
CA PRO B 170 -3.58 36.10 8.61
C PRO B 170 -3.47 37.23 9.65
N ALA B 171 -3.15 38.47 9.23
CA ALA B 171 -3.31 39.71 10.05
C ALA B 171 -4.79 39.88 10.36
N ILE B 172 -5.25 39.27 11.45
CA ILE B 172 -6.62 39.45 12.01
C ILE B 172 -6.45 39.84 13.48
N PRO B 173 -7.48 40.43 14.14
CA PRO B 173 -7.36 40.69 15.57
C PRO B 173 -7.39 39.35 16.30
N GLY B 174 -6.47 39.20 17.27
CA GLY B 174 -6.33 38.00 18.09
C GLY B 174 -5.54 36.95 17.36
N ILE B 175 -4.68 37.37 16.44
CA ILE B 175 -3.71 36.46 15.77
C ILE B 175 -2.86 35.79 16.87
N GLU B 176 -2.47 36.58 17.88
CA GLU B 176 -1.51 36.22 18.97
C GLU B 176 -2.03 35.01 19.76
N HIS B 177 -3.33 34.70 19.71
CA HIS B 177 -3.94 33.60 20.52
C HIS B 177 -4.06 32.34 19.66
N CYS B 178 -3.42 32.34 18.48
CA CYS B 178 -3.48 31.29 17.45
C CYS B 178 -2.06 30.73 17.26
N ILE B 179 -1.94 29.46 16.89
CA ILE B 179 -0.64 28.78 16.58
C ILE B 179 -0.60 28.33 15.13
N SER B 180 0.56 27.91 14.67
CA SER B 180 0.73 27.18 13.39
C SER B 180 0.98 25.70 13.67
N SER B 181 1.33 24.95 12.64
CA SER B 181 1.68 23.52 12.82
C SER B 181 2.92 23.46 13.71
N ASN B 182 3.81 24.45 13.61
CA ASN B 182 5.07 24.50 14.40
C ASN B 182 4.76 24.24 15.89
N GLU B 183 3.85 25.00 16.52
CA GLU B 183 3.47 24.86 17.95
C GLU B 183 2.64 23.59 18.18
N ALA B 184 1.82 23.18 17.19
CA ALA B 184 0.91 22.01 17.30
C ALA B 184 1.70 20.75 17.70
N PHE B 185 2.92 20.61 17.17
CA PHE B 185 3.84 19.48 17.45
C PHE B 185 4.35 19.52 18.89
N TYR B 186 4.19 20.65 19.60
CA TYR B 186 4.69 20.79 20.99
C TYR B 186 3.57 21.10 22.00
N LEU B 187 2.30 20.99 21.64
CA LEU B 187 1.23 21.20 22.63
C LEU B 187 1.51 20.25 23.79
N PRO B 188 1.55 20.74 25.05
CA PRO B 188 1.86 19.87 26.18
C PRO B 188 0.71 18.90 26.48
N GLU B 189 -0.51 19.29 26.09
CA GLU B 189 -1.77 18.55 26.36
C GLU B 189 -2.62 18.53 25.08
N PRO B 190 -3.44 17.50 24.82
CA PRO B 190 -4.24 17.45 23.61
C PRO B 190 -5.50 18.28 23.78
N PRO B 191 -5.75 19.28 22.92
CA PRO B 191 -6.92 20.15 23.11
C PRO B 191 -8.26 19.39 23.06
N ARG B 192 -9.18 19.76 23.97
CA ARG B 192 -10.55 19.17 24.03
C ARG B 192 -11.33 19.66 22.81
N ARG B 193 -11.18 20.95 22.49
CA ARG B 193 -11.83 21.57 21.31
C ARG B 193 -10.76 22.39 20.61
N VAL B 194 -10.72 22.23 19.28
CA VAL B 194 -9.69 22.83 18.41
C VAL B 194 -10.37 23.17 17.08
N LEU B 195 -10.00 24.33 16.54
CA LEU B 195 -10.39 24.79 15.20
C LEU B 195 -9.12 24.67 14.36
N THR B 196 -9.16 23.86 13.30
CA THR B 196 -8.10 23.91 12.25
C THR B 196 -8.58 24.84 11.15
N VAL B 197 -7.75 25.79 10.77
CA VAL B 197 -8.12 26.86 9.81
C VAL B 197 -7.35 26.60 8.51
N GLY B 198 -8.06 26.19 7.46
CA GLY B 198 -7.46 25.85 6.16
C GLY B 198 -8.04 24.54 5.65
N GLY B 199 -8.19 24.44 4.34
CA GLY B 199 -8.70 23.20 3.75
C GLY B 199 -7.61 22.38 3.10
N GLY B 200 -6.34 22.71 3.35
CA GLY B 200 -5.17 22.07 2.75
C GLY B 200 -4.72 20.83 3.53
N PHE B 201 -3.64 20.17 3.13
CA PHE B 201 -3.23 18.89 3.72
C PHE B 201 -2.90 19.06 5.22
N ILE B 202 -2.30 20.16 5.64
CA ILE B 202 -1.83 20.28 7.05
C ILE B 202 -3.04 20.41 7.98
N SER B 203 -4.01 21.28 7.64
CA SER B 203 -5.27 21.42 8.43
C SER B 203 -5.96 20.06 8.53
N VAL B 204 -6.17 19.39 7.41
CA VAL B 204 -6.89 18.09 7.39
C VAL B 204 -6.14 17.03 8.20
N GLU B 205 -4.83 16.95 8.03
CA GLU B 205 -4.00 15.89 8.67
C GLU B 205 -4.06 16.13 10.17
N PHE B 206 -3.85 17.37 10.61
CA PHE B 206 -3.98 17.74 12.04
C PHE B 206 -5.43 17.56 12.53
N ALA B 207 -6.48 17.87 11.76
CA ALA B 207 -7.85 17.66 12.28
C ALA B 207 -7.97 16.21 12.69
N GLY B 208 -7.38 15.31 11.88
CA GLY B 208 -7.46 13.86 12.16
C GLY B 208 -6.69 13.52 13.42
N ILE B 209 -5.49 14.09 13.58
CA ILE B 209 -4.61 13.82 14.74
C ILE B 209 -5.34 14.20 16.04
N PHE B 210 -5.82 15.44 16.11
CA PHE B 210 -6.54 16.00 17.28
C PHE B 210 -7.81 15.20 17.55
N ASN B 211 -8.49 14.78 16.49
CA ASN B 211 -9.79 14.10 16.66
C ASN B 211 -9.57 12.79 17.44
N ALA B 212 -8.42 12.12 17.28
CA ALA B 212 -8.19 10.78 17.87
C ALA B 212 -7.76 10.95 19.32
N TYR B 213 -6.99 11.99 19.62
CA TYR B 213 -6.31 12.21 20.93
C TYR B 213 -7.09 13.23 21.78
N LYS B 214 -8.23 13.75 21.29
CA LYS B 214 -9.03 14.73 22.08
C LYS B 214 -9.55 14.02 23.34
N PRO B 215 -9.49 14.69 24.52
CA PRO B 215 -10.09 14.14 25.74
C PRO B 215 -11.59 13.92 25.58
N PRO B 216 -12.24 13.13 26.46
CA PRO B 216 -13.69 12.89 26.38
C PRO B 216 -14.56 14.15 26.21
N GLY B 217 -15.68 13.98 25.50
CA GLY B 217 -16.53 15.07 24.97
C GLY B 217 -15.73 16.23 24.37
N GLY B 218 -14.62 15.93 23.66
CA GLY B 218 -13.89 16.94 22.88
C GLY B 218 -14.52 17.12 21.52
N LYS B 219 -14.07 18.11 20.74
CA LYS B 219 -14.61 18.34 19.37
C LYS B 219 -13.54 19.05 18.52
N VAL B 220 -13.40 18.58 17.28
CA VAL B 220 -12.47 19.17 16.29
C VAL B 220 -13.31 19.84 15.21
N THR B 221 -13.00 21.09 14.92
CA THR B 221 -13.67 21.83 13.83
C THR B 221 -12.60 22.25 12.82
N LEU B 222 -12.90 22.01 11.55
CA LEU B 222 -12.06 22.50 10.43
C LEU B 222 -12.84 23.57 9.69
N CYS B 223 -12.21 24.70 9.43
CA CYS B 223 -12.85 25.78 8.66
C CYS B 223 -11.99 26.07 7.41
N TYR B 224 -12.73 26.29 6.32
CA TYR B 224 -12.20 26.64 4.98
C TYR B 224 -13.08 27.70 4.32
N ARG B 225 -12.49 28.81 3.84
CA ARG B 225 -13.16 29.90 3.05
C ARG B 225 -14.01 29.32 1.93
N ASN B 226 -13.48 28.33 1.20
CA ASN B 226 -14.13 27.86 -0.05
C ASN B 226 -15.13 26.76 0.27
N ASN B 227 -15.83 26.30 -0.76
CA ASN B 227 -16.98 25.39 -0.69
C ASN B 227 -16.52 23.97 -0.29
N LEU B 228 -15.30 23.55 -0.66
CA LEU B 228 -14.91 22.10 -0.62
C LEU B 228 -13.42 21.97 -0.32
N ILE B 229 -13.05 21.21 0.70
CA ILE B 229 -11.64 21.14 1.16
C ILE B 229 -10.76 20.59 0.05
N LEU B 230 -9.47 20.82 0.21
CA LEU B 230 -8.36 20.19 -0.53
C LEU B 230 -8.45 20.52 -2.01
N ARG B 231 -8.47 21.80 -2.37
N ARG B 231 -8.49 21.80 -2.36
CA ARG B 231 -8.31 22.23 -3.78
CA ARG B 231 -8.24 22.32 -3.74
C ARG B 231 -6.96 21.74 -4.28
C ARG B 231 -6.95 21.68 -4.26
N GLY B 232 -6.91 21.35 -5.56
CA GLY B 232 -5.72 20.75 -6.20
C GLY B 232 -5.88 19.24 -6.27
N PHE B 233 -6.77 18.68 -5.45
CA PHE B 233 -7.00 17.22 -5.38
C PHE B 233 -8.23 16.89 -6.22
N ASP B 234 -8.39 15.61 -6.53
CA ASP B 234 -9.49 15.10 -7.36
C ASP B 234 -10.79 15.45 -6.64
N GLU B 235 -11.78 15.96 -7.40
CA GLU B 235 -13.01 16.52 -6.79
C GLU B 235 -13.82 15.42 -6.09
N THR B 236 -13.95 14.24 -6.67
CA THR B 236 -14.69 13.12 -6.02
C THR B 236 -14.04 12.78 -4.68
N ILE B 237 -12.72 12.74 -4.67
CA ILE B 237 -11.91 12.49 -3.46
C ILE B 237 -12.14 13.62 -2.47
N ARG B 238 -12.18 14.88 -2.90
CA ARG B 238 -12.40 16.04 -2.02
C ARG B 238 -13.74 15.90 -1.27
N GLU B 239 -14.78 15.49 -1.98
CA GLU B 239 -16.15 15.34 -1.43
C GLU B 239 -16.21 14.08 -0.56
N GLU B 240 -15.60 12.99 -0.99
CA GLU B 240 -15.63 11.71 -0.25
C GLU B 240 -14.83 11.88 1.03
N VAL B 241 -13.71 12.60 0.99
CA VAL B 241 -12.87 12.75 2.21
C VAL B 241 -13.63 13.66 3.20
N THR B 242 -14.26 14.76 2.76
CA THR B 242 -15.20 15.57 3.59
C THR B 242 -16.23 14.67 4.29
N LYS B 243 -16.88 13.76 3.57
CA LYS B 243 -17.89 12.86 4.15
C LYS B 243 -17.25 11.95 5.22
N GLN B 244 -16.05 11.44 4.97
CA GLN B 244 -15.50 10.37 5.84
C GLN B 244 -14.90 11.03 7.08
N LEU B 245 -14.42 12.28 6.98
CA LEU B 245 -13.97 13.05 8.16
C LEU B 245 -15.18 13.29 9.05
N THR B 246 -16.28 13.73 8.43
CA THR B 246 -17.58 14.01 9.10
C THR B 246 -18.01 12.72 9.82
N ALA B 247 -17.98 11.57 9.13
CA ALA B 247 -18.46 10.30 9.69
C ALA B 247 -17.66 10.01 10.98
N ASN B 248 -16.40 10.45 11.08
CA ASN B 248 -15.53 10.21 12.27
C ASN B 248 -15.61 11.37 13.28
N GLY B 249 -16.62 12.24 13.18
CA GLY B 249 -16.97 13.24 14.20
C GLY B 249 -16.22 14.53 14.06
N ILE B 250 -15.61 14.81 12.92
CA ILE B 250 -15.00 16.14 12.67
C ILE B 250 -16.07 17.05 12.05
N GLU B 251 -16.17 18.30 12.53
CA GLU B 251 -17.07 19.36 12.02
C GLU B 251 -16.33 20.17 10.94
N ILE B 252 -16.76 20.02 9.70
CA ILE B 252 -16.15 20.71 8.53
C ILE B 252 -17.00 21.94 8.30
N MET B 253 -16.47 23.12 8.62
CA MET B 253 -17.13 24.43 8.35
C MET B 253 -16.61 25.03 7.03
N THR B 254 -17.29 24.75 5.91
CA THR B 254 -16.92 25.31 4.57
C THR B 254 -17.62 26.65 4.37
N ASN B 255 -17.06 27.49 3.50
CA ASN B 255 -17.40 28.92 3.29
C ASN B 255 -17.44 29.61 4.64
N GLU B 256 -16.33 29.57 5.38
CA GLU B 256 -16.21 30.24 6.69
C GLU B 256 -14.75 30.59 6.91
N ASN B 257 -14.49 31.72 7.55
CA ASN B 257 -13.13 32.20 7.84
C ASN B 257 -13.17 32.92 9.17
N PRO B 258 -12.16 32.75 10.07
CA PRO B 258 -12.07 33.55 11.30
C PRO B 258 -11.96 35.04 10.97
N ALA B 259 -12.93 35.85 11.42
CA ALA B 259 -12.83 37.32 11.46
C ALA B 259 -11.87 37.72 12.58
N LYS B 260 -12.09 37.15 13.77
CA LYS B 260 -11.37 37.55 15.02
C LYS B 260 -11.33 36.41 16.08
N VAL B 261 -10.26 36.45 16.86
CA VAL B 261 -10.10 35.59 18.06
C VAL B 261 -9.92 36.48 19.29
N SER B 262 -10.72 36.22 20.32
CA SER B 262 -10.46 36.74 21.69
C SER B 262 -10.50 35.57 22.71
N LEU B 263 -10.19 35.88 23.99
CA LEU B 263 -10.17 34.90 25.12
C LEU B 263 -11.50 34.98 25.88
N ASN B 264 -12.17 33.84 26.10
CA ASN B 264 -13.14 33.66 27.21
C ASN B 264 -12.34 33.89 28.51
N THR B 265 -13.00 34.23 29.62
CA THR B 265 -12.28 34.69 30.85
C THR B 265 -11.45 33.52 31.42
N ASP B 266 -11.87 32.28 31.11
CA ASP B 266 -11.16 31.00 31.44
C ASP B 266 -10.02 30.73 30.44
N GLY B 267 -9.64 31.68 29.58
CA GLY B 267 -8.44 31.61 28.72
C GLY B 267 -8.64 30.83 27.41
N SER B 268 -9.68 29.99 27.32
CA SER B 268 -10.12 29.31 26.07
C SER B 268 -10.40 30.39 25.02
N LYS B 269 -10.26 30.02 23.74
CA LYS B 269 -10.24 30.97 22.59
C LYS B 269 -11.64 31.07 21.98
N HIS B 270 -12.09 32.32 21.79
CA HIS B 270 -13.44 32.67 21.28
C HIS B 270 -13.31 33.13 19.83
N VAL B 271 -13.94 32.39 18.93
CA VAL B 271 -13.72 32.59 17.48
C VAL B 271 -14.95 33.27 16.94
N THR B 272 -14.76 34.39 16.23
CA THR B 272 -15.87 34.94 15.41
C THR B 272 -15.49 34.85 13.94
N PHE B 273 -16.33 34.09 13.24
CA PHE B 273 -16.36 33.87 11.78
C PHE B 273 -17.06 35.05 11.09
N GLU B 274 -16.54 35.43 9.92
CA GLU B 274 -17.08 36.53 9.07
C GLU B 274 -18.60 36.32 8.91
N SER B 275 -19.12 35.09 9.01
CA SER B 275 -20.56 34.73 8.82
C SER B 275 -21.43 35.05 10.04
N GLY B 276 -20.86 35.56 11.15
CA GLY B 276 -21.60 35.79 12.41
C GLY B 276 -21.76 34.53 13.25
N LYS B 277 -21.25 33.39 12.77
CA LYS B 277 -21.06 32.21 13.64
C LYS B 277 -19.94 32.49 14.65
N THR B 278 -20.03 31.81 15.81
CA THR B 278 -18.99 31.84 16.88
C THR B 278 -18.66 30.41 17.30
N LEU B 279 -17.45 30.24 17.81
CA LEU B 279 -16.98 28.94 18.32
C LEU B 279 -16.01 29.21 19.47
N ASP B 280 -16.15 28.42 20.53
CA ASP B 280 -15.22 28.40 21.69
C ASP B 280 -14.39 27.12 21.59
N VAL B 281 -13.08 27.28 21.57
CA VAL B 281 -12.11 26.16 21.41
C VAL B 281 -10.90 26.44 22.31
N ASP B 282 -10.15 25.39 22.64
CA ASP B 282 -8.90 25.49 23.44
C ASP B 282 -7.75 25.93 22.54
N VAL B 283 -7.80 25.55 21.26
CA VAL B 283 -6.71 25.79 20.25
C VAL B 283 -7.35 26.19 18.90
N VAL B 284 -6.79 27.22 18.29
CA VAL B 284 -6.96 27.62 16.87
C VAL B 284 -5.62 27.37 16.17
N MET B 285 -5.57 26.38 15.28
CA MET B 285 -4.36 26.11 14.47
C MET B 285 -4.57 26.69 13.06
N MET B 286 -3.78 27.71 12.75
CA MET B 286 -3.74 28.36 11.42
C MET B 286 -2.91 27.50 10.45
N ALA B 287 -3.56 26.88 9.47
CA ALA B 287 -2.88 26.13 8.38
C ALA B 287 -3.37 26.65 7.01
N ILE B 288 -3.09 27.92 6.73
CA ILE B 288 -3.68 28.68 5.57
C ILE B 288 -2.63 28.81 4.49
N GLY B 289 -1.37 28.56 4.78
CA GLY B 289 -0.36 28.60 3.72
C GLY B 289 1.03 28.67 4.26
N ARG B 290 1.99 28.41 3.41
CA ARG B 290 3.41 28.53 3.75
C ARG B 290 4.08 29.43 2.73
N ILE B 291 4.93 30.34 3.19
CA ILE B 291 5.61 31.31 2.30
C ILE B 291 7.10 31.06 2.40
N PRO B 292 7.81 31.33 1.30
CA PRO B 292 9.25 31.08 1.20
C PRO B 292 9.95 31.96 2.22
N ARG B 293 11.06 31.50 2.79
CA ARG B 293 11.78 32.24 3.87
C ARG B 293 12.98 32.94 3.29
N THR B 294 12.78 34.21 2.89
CA THR B 294 13.81 35.01 2.17
C THR B 294 14.13 36.31 2.93
N ASN B 295 13.32 36.76 3.89
CA ASN B 295 13.51 38.05 4.63
C ASN B 295 14.91 38.14 5.22
N ASP B 296 15.32 37.04 5.86
CA ASP B 296 16.52 37.01 6.73
C ASP B 296 17.75 36.83 5.85
N LEU B 297 17.56 36.62 4.54
CA LEU B 297 18.69 36.24 3.65
C LEU B 297 19.40 37.51 3.16
N GLN B 298 18.82 38.70 3.37
CA GLN B 298 19.48 39.97 2.95
C GLN B 298 19.85 39.86 1.46
N LEU B 299 18.89 39.45 0.63
CA LEU B 299 19.17 39.18 -0.82
C LEU B 299 19.35 40.53 -1.53
N GLY B 300 18.86 41.62 -0.97
CA GLY B 300 19.27 43.00 -1.33
C GLY B 300 20.78 43.18 -1.54
N ASN B 301 21.64 42.53 -0.76
CA ASN B 301 23.12 42.74 -0.82
C ASN B 301 23.74 42.17 -2.10
N VAL B 302 23.05 41.27 -2.81
CA VAL B 302 23.57 40.67 -4.07
C VAL B 302 22.59 40.90 -5.22
N GLY B 303 21.35 41.37 -4.96
CA GLY B 303 20.34 41.66 -5.99
C GLY B 303 19.80 40.40 -6.63
N VAL B 304 19.57 39.34 -5.83
CA VAL B 304 18.94 38.06 -6.25
C VAL B 304 17.46 38.32 -6.54
N LYS B 305 16.98 37.94 -7.72
CA LYS B 305 15.63 38.31 -8.17
C LYS B 305 14.60 37.52 -7.34
N LEU B 306 13.71 38.23 -6.60
CA LEU B 306 12.53 37.63 -5.93
C LEU B 306 11.23 37.90 -6.68
N THR B 307 10.23 37.05 -6.48
CA THR B 307 8.81 37.29 -6.85
C THR B 307 8.20 38.19 -5.77
N PRO B 308 7.06 38.86 -6.04
CA PRO B 308 6.33 39.59 -5.00
C PRO B 308 5.92 38.76 -3.78
N LYS B 309 5.43 37.54 -4.04
CA LYS B 309 5.16 36.45 -3.05
C LYS B 309 6.28 36.36 -2.00
N GLY B 310 7.55 36.52 -2.43
CA GLY B 310 8.78 36.35 -1.64
C GLY B 310 9.64 35.16 -2.06
N GLY B 311 9.25 34.45 -3.13
CA GLY B 311 10.01 33.30 -3.64
C GLY B 311 11.25 33.74 -4.38
N VAL B 312 12.29 32.92 -4.38
CA VAL B 312 13.48 33.18 -5.22
C VAL B 312 13.13 32.66 -6.61
N GLN B 313 13.16 33.51 -7.62
CA GLN B 313 12.83 33.11 -8.99
C GLN B 313 13.98 32.29 -9.55
N VAL B 314 13.69 31.14 -10.16
CA VAL B 314 14.76 30.25 -10.71
C VAL B 314 14.36 29.85 -12.12
N ASP B 315 15.36 29.51 -12.92
CA ASP B 315 15.11 28.80 -14.19
C ASP B 315 14.85 27.33 -13.82
N GLU B 316 14.74 26.48 -14.83
CA GLU B 316 14.42 25.04 -14.66
C GLU B 316 15.61 24.32 -14.00
N PHE B 317 16.80 24.90 -14.10
CA PHE B 317 18.02 24.36 -13.47
C PHE B 317 18.27 24.97 -12.09
N SER B 318 17.29 25.66 -11.47
CA SER B 318 17.42 26.17 -10.08
C SER B 318 18.46 27.32 -9.99
N ARG B 319 18.72 28.01 -11.09
CA ARG B 319 19.73 29.10 -11.14
C ARG B 319 19.00 30.42 -10.97
N THR B 320 19.54 31.30 -10.13
CA THR B 320 18.96 32.65 -9.91
C THR B 320 19.41 33.50 -11.09
N ASN B 321 19.00 34.76 -11.10
CA ASN B 321 19.51 35.82 -12.01
C ASN B 321 20.99 36.06 -11.71
N VAL B 322 21.46 35.77 -10.49
CA VAL B 322 22.89 35.99 -10.14
C VAL B 322 23.66 34.69 -10.38
N PRO B 323 24.72 34.71 -11.23
CA PRO B 323 25.54 33.51 -11.47
C PRO B 323 26.23 33.03 -10.18
N ASN B 324 26.45 31.71 -10.05
CA ASN B 324 27.03 31.09 -8.83
C ASN B 324 26.02 31.12 -7.66
N ILE B 325 24.81 31.67 -7.84
CA ILE B 325 23.78 31.63 -6.75
C ILE B 325 22.56 30.93 -7.32
N TYR B 326 22.16 29.87 -6.58
CA TYR B 326 21.10 28.90 -6.90
C TYR B 326 20.11 28.82 -5.72
N ALA B 327 18.87 28.44 -6.00
CA ALA B 327 17.88 28.11 -4.96
C ALA B 327 17.10 26.86 -5.33
N ILE B 328 16.83 26.03 -4.33
CA ILE B 328 16.00 24.81 -4.47
C ILE B 328 15.06 24.71 -3.27
N GLY B 329 14.01 23.90 -3.43
CA GLY B 329 13.05 23.59 -2.37
C GLY B 329 11.96 24.63 -2.31
N ASP B 330 11.32 24.71 -1.17
CA ASP B 330 10.09 25.50 -0.93
C ASP B 330 10.44 26.98 -1.22
N ILE B 331 11.67 27.42 -0.94
CA ILE B 331 12.06 28.85 -1.16
C ILE B 331 11.77 29.26 -2.62
N THR B 332 11.73 28.30 -3.54
CA THR B 332 11.44 28.54 -4.98
C THR B 332 9.92 28.55 -5.17
N ASP B 333 9.13 28.22 -4.14
CA ASP B 333 7.64 28.18 -4.16
C ASP B 333 7.09 27.41 -5.38
N ARG B 334 7.81 26.42 -5.91
CA ARG B 334 7.26 25.54 -6.97
C ARG B 334 6.37 24.48 -6.29
N LEU B 335 6.82 23.24 -6.14
CA LEU B 335 6.09 22.14 -5.45
C LEU B 335 6.67 21.89 -4.05
N MET B 336 5.92 22.10 -2.97
CA MET B 336 6.51 22.10 -1.59
C MET B 336 6.41 20.71 -0.96
N LEU B 337 7.29 19.81 -1.41
CA LEU B 337 7.40 18.38 -1.01
C LEU B 337 8.87 18.06 -0.81
N THR B 338 9.19 17.22 0.16
CA THR B 338 10.57 16.92 0.55
C THR B 338 11.28 16.21 -0.62
N PRO B 339 10.66 15.22 -1.28
CA PRO B 339 11.33 14.50 -2.36
C PRO B 339 11.56 15.39 -3.58
N VAL B 340 10.77 16.43 -3.76
CA VAL B 340 11.00 17.43 -4.84
C VAL B 340 12.20 18.33 -4.51
N ALA B 341 12.25 18.84 -3.29
CA ALA B 341 13.41 19.59 -2.79
C ALA B 341 14.67 18.75 -2.98
N ILE B 342 14.61 17.48 -2.57
CA ILE B 342 15.77 16.53 -2.67
C ILE B 342 16.16 16.37 -4.14
N ASN B 343 15.17 16.16 -5.00
CA ASN B 343 15.43 16.02 -6.44
C ASN B 343 16.08 17.31 -6.96
N GLU B 344 15.56 18.47 -6.59
CA GLU B 344 16.12 19.76 -7.06
C GLU B 344 17.60 19.89 -6.66
N GLY B 345 17.94 19.51 -5.43
CA GLY B 345 19.33 19.59 -4.92
C GLY B 345 20.26 18.67 -5.68
N ALA B 346 19.81 17.43 -5.89
CA ALA B 346 20.58 16.44 -6.68
C ALA B 346 20.83 17.01 -8.09
N ALA B 347 19.77 17.49 -8.77
CA ALA B 347 19.80 17.93 -10.19
C ALA B 347 20.76 19.12 -10.31
N LEU B 348 20.69 20.05 -9.34
CA LEU B 348 21.56 21.24 -9.29
C LEU B 348 23.03 20.81 -9.23
N VAL B 349 23.38 20.04 -8.22
CA VAL B 349 24.81 19.68 -7.95
C VAL B 349 25.36 18.93 -9.18
N ASP B 350 24.58 18.03 -9.77
CA ASP B 350 25.00 17.29 -10.99
C ASP B 350 25.24 18.27 -12.14
N THR B 351 24.35 19.23 -12.31
CA THR B 351 24.43 20.30 -13.34
C THR B 351 25.74 21.08 -13.13
N VAL B 352 25.87 21.73 -11.97
CA VAL B 352 26.95 22.70 -11.65
C VAL B 352 28.28 21.97 -11.50
N PHE B 353 28.35 20.93 -10.69
CA PHE B 353 29.65 20.28 -10.34
C PHE B 353 29.88 19.03 -11.19
N GLY B 354 28.83 18.43 -11.77
CA GLY B 354 28.99 17.22 -12.59
C GLY B 354 29.12 17.53 -14.07
N ASN B 355 28.75 18.74 -14.53
CA ASN B 355 28.41 19.02 -15.95
C ASN B 355 27.56 17.85 -16.49
N LYS B 356 26.57 17.40 -15.70
CA LYS B 356 25.52 16.44 -16.11
C LYS B 356 24.21 17.20 -15.99
N PRO B 357 23.85 18.00 -17.02
CA PRO B 357 22.81 19.01 -16.87
C PRO B 357 21.50 18.24 -16.69
N ARG B 358 20.73 18.61 -15.66
CA ARG B 358 19.44 17.96 -15.37
C ARG B 358 18.55 18.95 -14.60
N LYS B 359 17.30 19.03 -15.06
CA LYS B 359 16.17 19.70 -14.39
C LYS B 359 15.25 18.65 -13.73
N THR B 360 14.71 19.00 -12.58
CA THR B 360 13.61 18.26 -11.90
C THR B 360 12.33 18.38 -12.73
N ASP B 361 11.67 17.25 -12.93
CA ASP B 361 10.35 17.21 -13.59
C ASP B 361 9.28 17.34 -12.50
N HIS B 362 8.56 18.46 -12.48
CA HIS B 362 7.53 18.79 -11.45
C HIS B 362 6.15 18.23 -11.89
N THR B 363 6.07 17.60 -13.05
CA THR B 363 4.81 16.92 -13.47
C THR B 363 4.90 15.48 -12.97
N ARG B 364 3.74 14.88 -12.82
CA ARG B 364 3.60 13.42 -12.57
C ARG B 364 4.37 13.02 -11.31
N VAL B 365 4.20 13.84 -10.29
CA VAL B 365 4.88 13.67 -8.98
C VAL B 365 3.87 13.01 -8.05
N ALA B 366 4.10 11.75 -7.74
CA ALA B 366 3.31 11.02 -6.73
C ALA B 366 3.44 11.73 -5.38
N SER B 367 2.30 11.90 -4.69
CA SER B 367 2.20 12.59 -3.39
C SER B 367 1.02 12.01 -2.61
N ALA B 368 0.95 12.32 -1.33
CA ALA B 368 -0.05 11.76 -0.42
C ALA B 368 -0.58 12.82 0.56
N VAL B 369 -1.79 12.61 1.00
CA VAL B 369 -2.36 13.24 2.21
C VAL B 369 -2.64 12.13 3.22
N PHE B 370 -2.09 12.27 4.41
CA PHE B 370 -2.22 11.35 5.56
C PHE B 370 -3.43 11.75 6.40
N SER B 371 -4.52 11.99 5.66
CA SER B 371 -5.87 12.15 6.21
C SER B 371 -6.20 10.75 6.71
N ILE B 372 -7.32 10.62 7.43
CA ILE B 372 -7.88 9.33 7.83
C ILE B 372 -9.28 9.30 7.20
N PRO B 373 -9.50 8.53 6.11
CA PRO B 373 -8.44 7.76 5.44
C PRO B 373 -7.56 8.60 4.53
N PRO B 374 -6.42 8.06 4.06
CA PRO B 374 -5.47 8.85 3.28
C PRO B 374 -5.77 8.93 1.77
N ILE B 375 -5.07 9.87 1.12
CA ILE B 375 -5.09 10.11 -0.33
C ILE B 375 -3.73 9.74 -0.91
N GLY B 376 -3.72 9.13 -2.08
CA GLY B 376 -2.51 9.00 -2.91
C GLY B 376 -2.88 9.52 -4.27
N THR B 377 -1.99 10.31 -4.90
CA THR B 377 -2.29 10.99 -6.18
C THR B 377 -1.00 11.14 -6.98
N CYS B 378 -1.12 11.08 -8.30
CA CYS B 378 -0.01 11.33 -9.23
C CYS B 378 -0.58 11.84 -10.55
N GLY B 379 -0.12 13.02 -10.99
CA GLY B 379 -0.50 13.59 -12.29
C GLY B 379 -1.78 14.38 -12.23
N LEU B 380 -2.47 14.55 -13.35
CA LEU B 380 -3.47 15.63 -13.52
C LEU B 380 -4.81 15.18 -12.93
N ILE B 381 -5.54 16.11 -12.34
CA ILE B 381 -7.00 15.94 -12.10
C ILE B 381 -7.75 16.19 -13.42
N GLU B 382 -8.99 15.73 -13.51
CA GLU B 382 -9.72 15.66 -14.80
C GLU B 382 -10.01 17.08 -15.32
N GLU B 383 -10.32 18.05 -14.44
CA GLU B 383 -10.62 19.46 -14.83
C GLU B 383 -9.39 20.05 -15.55
N VAL B 384 -8.20 19.79 -15.03
CA VAL B 384 -6.94 20.35 -15.60
C VAL B 384 -6.74 19.68 -16.94
N ALA B 385 -6.85 18.35 -16.97
CA ALA B 385 -6.58 17.54 -18.19
C ALA B 385 -7.59 17.92 -19.28
N ALA B 386 -8.81 18.27 -18.88
CA ALA B 386 -9.94 18.60 -19.78
C ALA B 386 -9.60 19.86 -20.59
N LYS B 387 -8.81 20.77 -20.03
CA LYS B 387 -8.41 22.05 -20.69
C LYS B 387 -7.24 21.82 -21.62
N GLU B 388 -6.44 20.78 -21.41
CA GLU B 388 -5.19 20.54 -22.18
C GLU B 388 -5.39 19.46 -23.25
N PHE B 389 -6.50 18.70 -23.24
CA PHE B 389 -6.72 17.54 -24.15
C PHE B 389 -8.14 17.55 -24.69
N GLU B 390 -8.26 17.28 -26.00
CA GLU B 390 -9.58 17.32 -26.67
C GLU B 390 -10.48 16.28 -26.00
N LYS B 391 -9.96 15.06 -25.84
CA LYS B 391 -10.76 13.93 -25.28
C LYS B 391 -10.07 13.43 -24.01
N VAL B 392 -10.74 13.52 -22.86
CA VAL B 392 -10.30 12.94 -21.54
C VAL B 392 -11.30 11.85 -21.13
N ALA B 393 -10.83 10.63 -20.81
CA ALA B 393 -11.67 9.56 -20.21
C ALA B 393 -11.42 9.53 -18.70
N VAL B 394 -12.48 9.31 -17.91
CA VAL B 394 -12.33 9.03 -16.46
C VAL B 394 -12.79 7.59 -16.18
N TYR B 395 -11.91 6.75 -15.67
CA TYR B 395 -12.24 5.42 -15.13
C TYR B 395 -12.39 5.58 -13.62
N MET B 396 -13.51 5.15 -13.06
CA MET B 396 -13.78 5.33 -11.62
C MET B 396 -14.40 4.07 -11.01
N SER B 397 -13.87 3.68 -9.86
CA SER B 397 -14.39 2.59 -9.02
C SER B 397 -14.47 3.16 -7.61
N SER B 398 -15.66 3.20 -7.05
CA SER B 398 -15.88 3.58 -5.64
C SER B 398 -16.71 2.48 -5.01
N PHE B 399 -16.32 2.01 -3.82
CA PHE B 399 -16.91 0.85 -3.11
C PHE B 399 -16.40 0.84 -1.67
N THR B 400 -17.28 0.67 -0.68
CA THR B 400 -16.86 0.30 0.70
C THR B 400 -16.20 -1.08 0.60
N PRO B 401 -14.88 -1.24 0.89
CA PRO B 401 -14.24 -2.55 0.84
C PRO B 401 -14.85 -3.46 1.91
N LEU B 402 -14.76 -4.77 1.71
CA LEU B 402 -15.47 -5.78 2.53
C LEU B 402 -15.00 -5.69 3.97
N MET B 403 -13.67 -5.73 4.21
CA MET B 403 -13.12 -5.58 5.59
C MET B 403 -13.96 -4.49 6.29
N HIS B 404 -14.41 -3.43 5.60
CA HIS B 404 -15.08 -2.26 6.26
C HIS B 404 -16.61 -2.38 6.32
N ASN B 405 -17.22 -3.40 5.73
CA ASN B 405 -18.59 -3.84 6.12
C ASN B 405 -18.52 -4.37 7.54
N ILE B 406 -17.80 -5.50 7.74
CA ILE B 406 -17.51 -6.17 9.04
C ILE B 406 -16.98 -5.22 10.14
N SER B 407 -16.08 -4.28 9.80
CA SER B 407 -15.38 -3.41 10.78
C SER B 407 -16.34 -2.45 11.47
N GLY B 408 -17.43 -2.07 10.80
CA GLY B 408 -18.37 -1.04 11.28
C GLY B 408 -18.15 0.30 10.62
N SER B 409 -17.01 0.52 9.95
CA SER B 409 -16.78 1.77 9.17
C SER B 409 -17.29 1.60 7.72
N LYS B 410 -18.60 1.42 7.54
CA LYS B 410 -19.25 1.20 6.21
C LYS B 410 -19.10 2.47 5.35
N TYR B 411 -18.83 3.61 5.97
CA TYR B 411 -18.59 4.92 5.34
C TYR B 411 -17.22 4.98 4.64
N LYS B 412 -16.32 4.02 4.91
CA LYS B 412 -14.94 4.12 4.38
C LYS B 412 -14.90 3.57 2.95
N LYS B 413 -15.42 4.34 2.00
CA LYS B 413 -15.39 4.01 0.55
C LYS B 413 -13.98 4.26 0.05
N PHE B 414 -13.37 3.26 -0.56
CA PHE B 414 -12.14 3.35 -1.38
C PHE B 414 -12.54 3.95 -2.73
N VAL B 415 -11.83 4.98 -3.15
CA VAL B 415 -12.01 5.60 -4.49
C VAL B 415 -10.71 5.40 -5.25
N ALA B 416 -10.80 4.84 -6.47
CA ALA B 416 -9.71 4.80 -7.46
C ALA B 416 -10.20 5.45 -8.75
N LYS B 417 -9.42 6.40 -9.28
CA LYS B 417 -9.77 7.14 -10.50
C LYS B 417 -8.53 7.24 -11.39
N ILE B 418 -8.68 6.83 -12.63
CA ILE B 418 -7.64 6.97 -13.66
C ILE B 418 -8.17 7.98 -14.69
N VAL B 419 -7.39 9.04 -14.94
CA VAL B 419 -7.71 10.08 -15.97
C VAL B 419 -6.78 9.85 -17.15
N THR B 420 -7.32 9.71 -18.38
CA THR B 420 -6.53 9.42 -19.61
C THR B 420 -6.77 10.48 -20.67
N ASN B 421 -5.82 10.55 -21.59
CA ASN B 421 -5.99 11.12 -22.94
C ASN B 421 -6.68 10.04 -23.79
N HIS B 422 -8.00 10.16 -23.98
CA HIS B 422 -8.87 9.14 -24.64
C HIS B 422 -8.49 8.94 -26.12
N SER B 423 -7.85 9.93 -26.74
CA SER B 423 -7.30 9.86 -28.11
C SER B 423 -6.30 8.72 -28.19
N ASP B 424 -5.43 8.51 -27.18
CA ASP B 424 -4.45 7.40 -27.24
C ASP B 424 -4.36 6.55 -25.97
N GLY B 425 -5.22 6.74 -24.96
CA GLY B 425 -5.22 5.88 -23.75
C GLY B 425 -4.16 6.24 -22.72
N THR B 426 -3.34 7.25 -22.99
CA THR B 426 -2.21 7.63 -22.09
C THR B 426 -2.76 8.09 -20.72
N VAL B 427 -2.21 7.53 -19.64
CA VAL B 427 -2.67 7.92 -18.28
C VAL B 427 -2.03 9.26 -17.92
N LEU B 428 -2.88 10.25 -17.62
CA LEU B 428 -2.52 11.63 -17.21
C LEU B 428 -2.52 11.80 -15.69
N GLY B 429 -3.35 11.03 -14.98
CA GLY B 429 -3.60 11.19 -13.53
C GLY B 429 -4.19 9.93 -12.92
N VAL B 430 -3.74 9.59 -11.71
CA VAL B 430 -4.31 8.48 -10.88
C VAL B 430 -4.52 9.04 -9.48
N HIS B 431 -5.70 8.85 -8.90
CA HIS B 431 -6.13 9.53 -7.66
C HIS B 431 -6.81 8.48 -6.81
N LEU B 432 -6.32 8.26 -5.59
CA LEU B 432 -6.79 7.16 -4.70
C LEU B 432 -7.18 7.75 -3.36
N LEU B 433 -8.29 7.29 -2.81
CA LEU B 433 -8.66 7.60 -1.42
C LEU B 433 -8.95 6.27 -0.72
N GLY B 434 -8.38 6.05 0.44
CA GLY B 434 -8.65 4.83 1.24
C GLY B 434 -7.35 4.28 1.78
N ASP B 435 -7.42 3.36 2.75
CA ASP B 435 -6.25 2.76 3.40
C ASP B 435 -5.31 2.21 2.30
N GLY B 436 -4.00 2.41 2.42
CA GLY B 436 -3.01 1.97 1.42
C GLY B 436 -2.71 2.99 0.32
N ALA B 437 -3.58 3.97 0.09
CA ALA B 437 -3.47 4.94 -1.04
C ALA B 437 -2.02 5.46 -1.20
N PRO B 438 -1.32 5.94 -0.14
CA PRO B 438 0.05 6.44 -0.30
C PRO B 438 1.12 5.42 -0.72
N GLU B 439 0.94 4.17 -0.29
CA GLU B 439 1.75 2.98 -0.64
C GLU B 439 1.42 2.55 -2.09
N ILE B 440 0.15 2.56 -2.46
CA ILE B 440 -0.27 2.14 -3.82
C ILE B 440 0.35 3.09 -4.85
N ILE B 441 0.32 4.39 -4.62
CA ILE B 441 0.55 5.43 -5.67
C ILE B 441 2.04 5.46 -6.05
N GLN B 442 2.96 5.03 -5.18
CA GLN B 442 4.42 5.16 -5.47
C GLN B 442 4.75 4.56 -6.81
N ALA B 443 4.51 3.26 -7.00
CA ALA B 443 4.85 2.57 -8.26
C ALA B 443 3.99 3.10 -9.42
N VAL B 444 2.86 3.74 -9.14
CA VAL B 444 2.09 4.45 -10.21
C VAL B 444 2.92 5.62 -10.75
N GLY B 445 3.71 6.27 -9.89
CA GLY B 445 4.66 7.30 -10.35
C GLY B 445 5.57 6.78 -11.44
N VAL B 446 6.05 5.56 -11.29
CA VAL B 446 6.97 4.92 -12.28
C VAL B 446 6.17 4.63 -13.55
N CYS B 447 4.89 4.24 -13.41
CA CYS B 447 4.01 3.92 -14.57
C CYS B 447 3.87 5.17 -15.45
N LEU B 448 3.67 6.34 -14.85
CA LEU B 448 3.45 7.61 -15.59
C LEU B 448 4.77 8.12 -16.17
N ARG B 449 5.88 7.86 -15.51
CA ARG B 449 7.19 8.15 -16.13
C ARG B 449 7.31 7.31 -17.41
N LEU B 450 6.79 6.08 -17.43
CA LEU B 450 6.87 5.16 -18.60
C LEU B 450 5.67 5.34 -19.56
N ASN B 451 4.90 6.43 -19.47
CA ASN B 451 3.79 6.75 -20.40
C ASN B 451 2.81 5.57 -20.44
N ALA B 452 2.49 5.00 -19.27
CA ALA B 452 1.54 3.87 -19.18
C ALA B 452 0.23 4.31 -19.81
N LYS B 453 -0.43 3.38 -20.48
CA LYS B 453 -1.80 3.60 -21.02
C LYS B 453 -2.76 2.82 -20.13
N ILE B 454 -4.06 3.09 -20.22
CA ILE B 454 -5.07 2.37 -19.40
C ILE B 454 -4.99 0.89 -19.75
N SER B 455 -4.63 0.54 -20.99
CA SER B 455 -4.51 -0.88 -21.41
C SER B 455 -3.35 -1.53 -20.67
N ASP B 456 -2.31 -0.78 -20.35
CA ASP B 456 -1.19 -1.28 -19.50
C ASP B 456 -1.65 -1.54 -18.06
N PHE B 457 -2.63 -0.81 -17.59
CA PHE B 457 -3.24 -1.10 -16.27
C PHE B 457 -4.16 -2.30 -16.33
N TYR B 458 -5.17 -2.27 -17.22
CA TYR B 458 -6.20 -3.33 -17.31
C TYR B 458 -5.54 -4.68 -17.66
N ASN B 459 -4.52 -4.65 -18.51
CA ASN B 459 -3.85 -5.89 -18.97
C ASN B 459 -2.92 -6.45 -17.89
N THR B 460 -2.64 -5.70 -16.84
CA THR B 460 -1.85 -6.22 -15.69
C THR B 460 -2.72 -7.10 -14.80
N ILE B 461 -2.25 -8.28 -14.47
CA ILE B 461 -2.99 -9.21 -13.57
C ILE B 461 -3.01 -8.62 -12.13
N GLY B 462 -4.19 -8.57 -11.52
CA GLY B 462 -4.45 -8.11 -10.16
C GLY B 462 -3.72 -8.94 -9.10
N VAL B 463 -3.42 -8.28 -7.99
CA VAL B 463 -3.09 -8.88 -6.67
C VAL B 463 -4.38 -8.90 -5.88
N HIS B 464 -4.83 -10.05 -5.42
CA HIS B 464 -6.15 -10.20 -4.79
C HIS B 464 -5.99 -10.95 -3.49
N PRO B 465 -6.68 -10.54 -2.40
CA PRO B 465 -7.51 -9.34 -2.38
C PRO B 465 -6.72 -8.10 -1.97
N THR B 466 -6.76 -7.03 -2.78
CA THR B 466 -6.18 -5.73 -2.42
C THR B 466 -7.11 -4.61 -2.84
N SER B 467 -6.91 -3.39 -2.33
CA SER B 467 -7.57 -2.19 -2.93
C SER B 467 -6.89 -1.90 -4.27
N ALA B 468 -5.56 -2.00 -4.33
CA ALA B 468 -4.75 -1.61 -5.50
C ALA B 468 -5.30 -2.26 -6.76
N GLU B 469 -5.78 -3.51 -6.69
CA GLU B 469 -6.18 -4.26 -7.92
C GLU B 469 -7.29 -3.52 -8.66
N GLU B 470 -8.05 -2.64 -7.99
CA GLU B 470 -9.07 -1.79 -8.68
C GLU B 470 -8.43 -1.10 -9.88
N LEU B 471 -7.17 -0.72 -9.77
CA LEU B 471 -6.44 0.04 -10.81
C LEU B 471 -6.33 -0.79 -12.08
N CYS B 472 -6.37 -2.12 -11.95
CA CYS B 472 -6.07 -3.11 -13.00
C CYS B 472 -7.36 -3.82 -13.45
N SER B 473 -8.53 -3.29 -13.05
CA SER B 473 -9.87 -3.90 -13.30
C SER B 473 -10.85 -2.91 -13.97
N MET B 474 -10.40 -1.76 -14.45
CA MET B 474 -11.24 -0.73 -15.10
C MET B 474 -10.94 -0.75 -16.59
N ARG B 475 -11.89 -1.31 -17.34
CA ARG B 475 -11.86 -1.65 -18.79
C ARG B 475 -12.53 -0.49 -19.56
N THR B 476 -13.52 0.16 -18.94
CA THR B 476 -14.49 1.06 -19.60
C THR B 476 -14.61 2.37 -18.85
N PRO B 477 -14.50 3.52 -19.55
CA PRO B 477 -14.71 4.81 -18.89
C PRO B 477 -16.05 4.90 -18.15
N SER B 478 -16.14 5.72 -17.08
CA SER B 478 -17.35 6.07 -16.32
C SER B 478 -18.01 7.27 -16.99
N TYR B 479 -17.18 8.20 -17.47
CA TYR B 479 -17.59 9.42 -18.21
C TYR B 479 -16.40 9.99 -18.97
N TYR B 480 -16.65 11.08 -19.69
CA TYR B 480 -15.64 11.74 -20.56
C TYR B 480 -15.73 13.26 -20.41
N TYR B 481 -14.68 13.92 -20.85
CA TYR B 481 -14.65 15.34 -21.23
C TYR B 481 -14.19 15.36 -22.69
N VAL B 482 -15.00 16.03 -23.47
CA VAL B 482 -14.77 16.29 -24.92
C VAL B 482 -14.70 17.81 -25.02
N LYS B 483 -13.59 18.36 -25.53
CA LYS B 483 -13.42 19.82 -25.76
C LYS B 483 -13.73 20.58 -24.46
N GLY B 484 -13.33 20.04 -23.30
CA GLY B 484 -13.52 20.66 -21.97
C GLY B 484 -14.88 20.38 -21.36
N GLU B 485 -15.82 19.70 -22.04
CA GLU B 485 -17.18 19.53 -21.48
C GLU B 485 -17.39 18.09 -21.03
N LYS B 486 -17.97 17.91 -19.85
CA LYS B 486 -18.28 16.58 -19.27
C LYS B 486 -19.38 15.92 -20.11
N MET B 487 -19.34 14.60 -20.24
CA MET B 487 -20.37 13.83 -20.98
C MET B 487 -20.47 12.46 -20.30
N GLU B 488 -21.64 12.13 -19.73
CA GLU B 488 -21.81 10.79 -19.13
C GLU B 488 -22.11 9.76 -20.23
#